data_9KVI
#
_entry.id   9KVI
#
_cell.length_a   1.00
_cell.length_b   1.00
_cell.length_c   1.00
_cell.angle_alpha   90.00
_cell.angle_beta   90.00
_cell.angle_gamma   90.00
#
_symmetry.space_group_name_H-M   'P 1'
#
loop_
_entity.id
_entity.type
_entity.pdbx_description
1 polymer 'Guanine nucleotide-binding protein G(i) subunit alpha-1'
2 polymer 'Guanine nucleotide-binding protein G(I)/G(S)/G(T) subunit beta-1'
3 polymer SCFV16
4 polymer 'Guanine nucleotide-binding protein G(I)/G(S)/G(O) subunit gamma-2'
5 polymer '5-hydroxytryptamine receptor 1A'
6 non-polymer Bufotenin
7 non-polymer 'GLYCOCHENODEOXYCHOLIC ACID'
8 non-polymer CHOLESTEROL
9 non-polymer '[(2R)-1-[oxidanyl-[(2R,3R,5S,6R)-2,3,5,6-tetrakis(oxidanyl)-4-phosphonooxy-cyclohexyl]oxy-phosphoryl]oxy-3-tetradecanoyloxy-propan-2-yl] (5E,8E)-hexadeca-5,8,11,14-tetraenoate'
10 water water
#
loop_
_entity_poly.entity_id
_entity_poly.type
_entity_poly.pdbx_seq_one_letter_code
_entity_poly.pdbx_strand_id
1 'polypeptide(L)'
;MGCTLSAEDKAAVERSKMIDRNLREDGEKAAREVKLLLLGAGESGKNTIVKQMKIIHEAGYSEEECKQYKAVVYSNTIQS
IIAIIRAMGRLKIDFGDSARADDARQLFVLAGAAEEGFMTAELAGVIKRLWKDSGVQACFNRSREYQLNDSAAYYLNDLD
RIAQPNYIPTQQDVLRTRVKTTGIVETHFTFKDLHFKMFDVGAQRSERKKWIHCFEGVTAIIFCVALSDYDLVLADEAEM
NRMHASMKLFDSICNNKWFTDTSIILFLNKKDLFEEKIKKSPLTICYPEYAGSNTYEEAAAYIQCQFEDLNKRKDTKEIY
THFTCSTDTKNVQFVFDAVTDVIIKNNLKDCGLF
;
A
2 'polypeptide(L)'
;GSLLQSELDQLRQEAEQLKNQIRDARKACADATLSQITNNIDPVGRIQMRTRRTLRGHLAKIYAMHWGTDSRLLVSASQD
GKLIIWDSYTTNKVHAIPLRSSWVMTCAYAPSGNYVACGGLDNICSIYNLKTREGNVRVSRELAGHTGYLSCCRFLDDNQ
IVTSSGDTTCALWDIETGQQTTTFTGHTGDVMSLSLAPDTRLFVSGACDASAKLWDVREGMCRQTFTGHESDINAICFFP
NGNAFATGSDDATCRLFDLRADQELMTYSHDNIICGITSVSFSKSGRLLLAGYDDFNCNVWDALKADRAGVLAGHDNRVS
CLGVTDDGMAVATGSWDSFLKIWN
;
B
3 'polypeptide(L)'
;VQLVESGGGLVQPGGSRKLSCSASGFAFSSFGMHWVRQAPEKGLEWVAYISSGSGTIYYADTVKGRFTISRDDPKNTLFL
QMTSLRSEDTAMYYCVRSIYYYGSSPFDFWGQGTTLTVSAGGGGSGGGGSGGGGSADIVMTQATSSVPVTPGESVSISCR
SSKSLLHSNGNTYLYWFLQRPGQSPQLLIYRMSNLASGVPDRFSGSGSGTAFTLTISRLEAEDVGVYYCMQHLEYPLTFG
AGTKLEL
;
E
4 'polypeptide(L)' MASNNTASIAQARKLVEQLKMEANIDRIKVSKAAADLMAYCEAHAKEDPLLTPVPASENPFREKKFFCAIL G
5 'polypeptide(L)'
;TTGISDVTVSYQVITSLLLGTLIFCAVLGNACVVAAIALERSLQNVANYLIGSLAVTDLMVSVLVLPMAALYQVLNKWTL
GQVTCDLFIALDVLCCTSSIWHLCAIALDRYWAITDPIDYVNKRTPRRAAALISLTWLIGFLISIPPMLGWRTPEDRSDP
DACTISKDHGYTIYSTFGAFYIPLLLMLVLYGRIFRAARFRIRKTVKKVEKTGADTRHGASPAPQPKKSVNGESGSRNWR
LGVESKAGGALCANGAVRQGDDGAALEVIEVHRVGNSKEHLPLPSEAGPTPCAPASFERKNERNAEAKRKMALARERKTV
KTLGIIMGTFILCWLPFFIVALVLPFCESSCHMPTLLGAIINWLGYSNSLLNPVIYAYFNKDFQNAFKKIIKCKFCRQ
;
R
#
# COMPACT_ATOMS: atom_id res chain seq x y z
N CYS A 3 -14.47 -20.78 15.07
CA CYS A 3 -14.11 -21.52 16.31
C CYS A 3 -13.32 -20.63 17.27
N THR A 4 -12.16 -20.16 16.81
CA THR A 4 -11.31 -19.30 17.61
C THR A 4 -11.72 -17.83 17.56
N LEU A 5 -12.68 -17.48 16.71
CA LEU A 5 -13.15 -16.11 16.57
C LEU A 5 -14.62 -16.03 16.99
N SER A 6 -14.98 -14.91 17.62
CA SER A 6 -16.34 -14.70 18.07
C SER A 6 -17.15 -13.99 16.99
N ALA A 7 -18.43 -13.74 17.30
CA ALA A 7 -19.31 -13.06 16.37
C ALA A 7 -18.76 -11.68 15.99
N GLU A 8 -18.34 -10.92 16.99
CA GLU A 8 -17.76 -9.61 16.72
C GLU A 8 -16.49 -9.74 15.89
N ASP A 9 -15.69 -10.77 16.15
CA ASP A 9 -14.49 -11.00 15.36
C ASP A 9 -14.83 -11.29 13.91
N LYS A 10 -15.87 -12.10 13.69
CA LYS A 10 -16.29 -12.41 12.32
C LYS A 10 -16.76 -11.15 11.60
N ALA A 11 -17.55 -10.33 12.28
CA ALA A 11 -18.03 -9.09 11.67
C ALA A 11 -16.86 -8.16 11.36
N ALA A 12 -15.89 -8.08 12.27
CA ALA A 12 -14.72 -7.24 12.02
C ALA A 12 -13.91 -7.75 10.84
N VAL A 13 -13.76 -9.08 10.71
CA VAL A 13 -13.05 -9.64 9.57
C VAL A 13 -13.78 -9.32 8.27
N GLU A 14 -15.11 -9.42 8.28
CA GLU A 14 -15.88 -9.09 7.09
C GLU A 14 -15.68 -7.63 6.72
N ARG A 15 -15.72 -6.73 7.72
CA ARG A 15 -15.49 -5.31 7.45
C ARG A 15 -14.10 -5.08 6.90
N SER A 16 -13.10 -5.78 7.45
CA SER A 16 -11.73 -5.61 6.99
C SER A 16 -11.58 -6.05 5.54
N LYS A 17 -12.18 -7.17 5.16
CA LYS A 17 -12.06 -7.63 3.78
C LYS A 17 -12.86 -6.75 2.83
N MET A 18 -13.98 -6.19 3.30
CA MET A 18 -14.70 -5.21 2.48
C MET A 18 -13.84 -3.98 2.23
N ILE A 19 -13.17 -3.50 3.27
CA ILE A 19 -12.29 -2.34 3.12
C ILE A 19 -11.13 -2.67 2.19
N ASP A 20 -10.60 -3.89 2.28
CA ASP A 20 -9.55 -4.32 1.37
C ASP A 20 -10.03 -4.32 -0.08
N ARG A 21 -11.25 -4.83 -0.31
CA ARG A 21 -11.80 -4.81 -1.67
C ARG A 21 -11.96 -3.37 -2.17
N ASN A 22 -12.45 -2.48 -1.30
CA ASN A 22 -12.61 -1.09 -1.72
C ASN A 22 -11.27 -0.45 -2.05
N LEU A 23 -10.25 -0.71 -1.22
CA LEU A 23 -8.92 -0.17 -1.49
C LEU A 23 -8.35 -0.70 -2.80
N ARG A 24 -8.54 -2.00 -3.06
CA ARG A 24 -8.05 -2.57 -4.31
C ARG A 24 -8.77 -1.96 -5.51
N GLU A 25 -10.08 -1.74 -5.38
CA GLU A 25 -10.83 -1.10 -6.47
C GLU A 25 -10.32 0.31 -6.72
N ASP A 26 -10.07 1.06 -5.64
CA ASP A 26 -9.56 2.42 -5.80
C ASP A 26 -8.19 2.42 -6.46
N GLY A 27 -7.32 1.49 -6.05
CA GLY A 27 -6.01 1.37 -6.67
C GLY A 27 -6.10 1.03 -8.14
N GLU A 28 -6.99 0.11 -8.50
CA GLU A 28 -7.17 -0.23 -9.91
C GLU A 28 -7.67 0.97 -10.70
N LYS A 29 -8.61 1.72 -10.12
CA LYS A 29 -9.10 2.93 -10.81
C LYS A 29 -7.97 3.93 -11.01
N ALA A 30 -7.13 4.12 -9.99
CA ALA A 30 -6.03 5.07 -10.11
C ALA A 30 -4.91 4.56 -11.01
N ALA A 31 -4.85 3.26 -11.27
CA ALA A 31 -3.76 2.71 -12.08
C ALA A 31 -3.86 3.18 -13.52
N ARG A 32 -5.08 3.37 -14.03
CA ARG A 32 -5.28 3.74 -15.43
C ARG A 32 -5.25 5.25 -15.64
N GLU A 33 -4.58 5.97 -14.74
CA GLU A 33 -4.46 7.41 -14.83
C GLU A 33 -3.01 7.77 -15.14
N VAL A 34 -2.83 8.61 -16.16
CA VAL A 34 -1.49 9.03 -16.59
C VAL A 34 -1.08 10.19 -15.67
N LYS A 35 -0.07 9.95 -14.83
CA LYS A 35 0.42 10.96 -13.91
C LYS A 35 1.61 11.69 -14.53
N LEU A 36 1.53 13.01 -14.60
CA LEU A 36 2.55 13.84 -15.23
C LEU A 36 3.09 14.85 -14.23
N LEU A 37 4.40 15.10 -14.28
CA LEU A 37 5.01 16.12 -13.46
C LEU A 37 5.27 17.37 -14.28
N LEU A 38 4.86 18.52 -13.73
CA LEU A 38 4.96 19.80 -14.41
C LEU A 38 5.97 20.67 -13.68
N LEU A 39 6.87 21.29 -14.42
CA LEU A 39 7.92 22.11 -13.86
C LEU A 39 8.11 23.35 -14.73
N GLY A 40 8.75 24.36 -14.16
CA GLY A 40 9.04 25.59 -14.87
C GLY A 40 9.43 26.73 -13.94
N SER A 44 7.65 31.35 -16.41
CA SER A 44 8.10 30.62 -17.60
C SER A 44 6.92 30.17 -18.45
N GLY A 45 5.82 30.92 -18.37
CA GLY A 45 4.62 30.59 -19.12
C GLY A 45 3.86 29.39 -18.61
N LYS A 46 4.05 29.01 -17.34
CA LYS A 46 3.35 27.85 -16.80
C LYS A 46 1.84 28.05 -16.82
N ASN A 47 1.38 29.25 -16.46
CA ASN A 47 -0.05 29.50 -16.41
C ASN A 47 -0.70 29.32 -17.78
N THR A 48 -0.07 29.87 -18.82
CA THR A 48 -0.61 29.73 -20.17
C THR A 48 -0.62 28.26 -20.61
N ILE A 49 0.44 27.53 -20.30
CA ILE A 49 0.48 26.11 -20.65
C ILE A 49 -0.64 25.36 -19.97
N VAL A 50 -0.85 25.62 -18.67
CA VAL A 50 -1.90 24.94 -17.94
C VAL A 50 -3.26 25.29 -18.52
N LYS A 51 -3.47 26.56 -18.87
CA LYS A 51 -4.73 26.97 -19.47
C LYS A 51 -4.98 26.24 -20.78
N GLN A 52 -3.95 26.14 -21.62
CA GLN A 52 -4.09 25.45 -22.90
C GLN A 52 -4.23 23.95 -22.75
N MET A 53 -3.74 23.37 -21.65
CA MET A 53 -3.82 21.93 -21.46
C MET A 53 -5.17 21.51 -20.89
N LYS A 54 -5.68 22.25 -19.92
CA LYS A 54 -6.95 21.91 -19.29
C LYS A 54 -8.10 22.07 -20.28
N THR A 182 -1.81 26.91 -1.90
CA THR A 182 -0.42 27.29 -2.10
C THR A 182 0.49 26.07 -2.18
N GLY A 183 -0.11 24.89 -2.14
CA GLY A 183 0.63 23.64 -2.26
C GLY A 183 0.65 23.11 -3.67
N ILE A 184 0.71 21.78 -3.79
CA ILE A 184 0.71 21.16 -5.10
C ILE A 184 -0.64 21.37 -5.76
N VAL A 185 -0.62 21.72 -7.05
CA VAL A 185 -1.83 21.93 -7.84
C VAL A 185 -2.01 20.72 -8.75
N GLU A 186 -3.17 20.09 -8.68
CA GLU A 186 -3.48 18.89 -9.44
C GLU A 186 -4.56 19.22 -10.46
N THR A 187 -4.29 18.92 -11.73
CA THR A 187 -5.23 19.18 -12.82
C THR A 187 -5.50 17.89 -13.57
N HIS A 188 -6.76 17.65 -13.90
CA HIS A 188 -7.17 16.47 -14.66
C HIS A 188 -7.80 16.90 -15.98
N PHE A 189 -7.31 16.32 -17.08
CA PHE A 189 -7.86 16.61 -18.40
C PHE A 189 -7.83 15.33 -19.23
N THR A 190 -8.92 15.08 -19.95
CA THR A 190 -9.07 13.91 -20.79
C THR A 190 -8.90 14.31 -22.25
N PHE A 191 -8.05 13.58 -22.97
CA PHE A 191 -7.74 13.91 -24.35
C PHE A 191 -7.57 12.64 -25.16
N LYS A 192 -8.37 12.50 -26.22
CA LYS A 192 -8.30 11.37 -27.13
C LYS A 192 -8.35 10.04 -26.37
N ASP A 193 -9.42 9.88 -25.59
CA ASP A 193 -9.73 8.63 -24.89
C ASP A 193 -8.66 8.23 -23.89
N LEU A 194 -7.91 9.18 -23.36
CA LEU A 194 -6.89 8.91 -22.35
C LEU A 194 -7.00 9.95 -21.24
N HIS A 195 -6.74 9.52 -20.02
CA HIS A 195 -6.87 10.36 -18.83
C HIS A 195 -5.50 10.84 -18.41
N PHE A 196 -5.35 12.16 -18.26
CA PHE A 196 -4.12 12.78 -17.81
C PHE A 196 -4.38 13.52 -16.50
N LYS A 197 -3.50 13.31 -15.51
CA LYS A 197 -3.53 14.04 -14.26
C LYS A 197 -2.18 14.70 -14.08
N MET A 198 -2.16 16.03 -14.15
CA MET A 198 -0.93 16.82 -14.15
C MET A 198 -0.73 17.41 -12.76
N PHE A 199 0.48 17.29 -12.24
CA PHE A 199 0.83 17.75 -10.90
C PHE A 199 1.79 18.93 -11.02
N ASP A 200 1.26 20.13 -10.90
CA ASP A 200 2.08 21.35 -10.87
C ASP A 200 2.61 21.52 -9.46
N VAL A 201 3.94 21.43 -9.32
CA VAL A 201 4.58 21.45 -8.01
C VAL A 201 5.13 22.85 -7.71
N GLY A 202 4.61 23.85 -8.40
CA GLY A 202 5.02 25.22 -8.16
C GLY A 202 4.56 25.72 -6.80
N ALA A 203 5.15 26.85 -6.41
CA ALA A 203 4.84 27.52 -5.15
C ALA A 203 5.43 26.75 -3.96
N GLN A 204 6.14 25.65 -4.23
CA GLN A 204 6.83 24.90 -3.20
C GLN A 204 8.28 25.35 -3.10
N ARG A 205 8.51 26.54 -2.54
CA ARG A 205 9.87 27.06 -2.42
C ARG A 205 10.74 26.21 -1.51
N SER A 206 10.13 25.35 -0.69
CA SER A 206 10.90 24.49 0.20
C SER A 206 11.80 23.57 -0.61
N GLU A 207 12.86 23.08 0.03
CA GLU A 207 13.82 22.19 -0.62
C GLU A 207 13.10 20.99 -1.20
N ARG A 208 13.35 20.70 -2.49
CA ARG A 208 12.65 19.60 -3.15
C ARG A 208 13.41 18.29 -3.07
N LYS A 209 14.62 18.28 -2.50
CA LYS A 209 15.33 17.02 -2.29
C LYS A 209 14.59 16.12 -1.32
N LYS A 210 13.66 16.66 -0.54
CA LYS A 210 12.92 15.89 0.46
C LYS A 210 11.51 15.51 -0.01
N TRP A 211 11.05 16.03 -1.14
CA TRP A 211 9.76 15.63 -1.68
C TRP A 211 9.76 15.37 -3.17
N ILE A 212 10.90 15.50 -3.86
CA ILE A 212 10.93 15.20 -5.29
C ILE A 212 10.69 13.71 -5.51
N HIS A 213 11.18 12.87 -4.59
CA HIS A 213 11.02 11.42 -4.71
C HIS A 213 9.56 10.98 -4.63
N CYS A 214 8.66 11.84 -4.17
CA CYS A 214 7.25 11.46 -4.07
C CYS A 214 6.63 11.21 -5.43
N PHE A 215 7.25 11.73 -6.49
CA PHE A 215 6.70 11.63 -7.84
C PHE A 215 7.35 10.51 -8.66
N GLU A 216 7.76 9.42 -8.01
CA GLU A 216 8.27 8.28 -8.75
C GLU A 216 7.15 7.64 -9.56
N GLY A 217 7.49 7.11 -10.73
CA GLY A 217 6.54 6.45 -11.59
C GLY A 217 5.78 7.35 -12.53
N VAL A 218 6.01 8.66 -12.49
CA VAL A 218 5.34 9.56 -13.42
C VAL A 218 5.74 9.19 -14.84
N THR A 219 4.75 9.17 -15.74
CA THR A 219 5.00 8.77 -17.12
C THR A 219 5.99 9.72 -17.80
N ALA A 220 5.82 11.03 -17.60
CA ALA A 220 6.67 12.01 -18.25
C ALA A 220 6.71 13.28 -17.40
N ILE A 221 7.68 14.13 -17.68
CA ILE A 221 7.87 15.40 -16.98
C ILE A 221 7.69 16.52 -17.99
N ILE A 222 6.79 17.45 -17.69
CA ILE A 222 6.60 18.63 -18.53
C ILE A 222 7.44 19.77 -17.96
N PHE A 223 8.39 20.26 -18.76
CA PHE A 223 9.27 21.34 -18.36
C PHE A 223 8.97 22.55 -19.24
N CYS A 224 8.69 23.68 -18.61
CA CYS A 224 8.32 24.91 -19.30
C CYS A 224 9.40 25.95 -19.13
N VAL A 225 9.87 26.50 -20.25
CA VAL A 225 10.86 27.57 -20.26
C VAL A 225 10.42 28.61 -21.30
N ALA A 226 10.54 29.88 -20.94
CA ALA A 226 10.14 30.97 -21.81
C ALA A 226 11.35 31.42 -22.62
N LEU A 227 11.24 31.38 -23.95
CA LEU A 227 12.34 31.79 -24.80
C LEU A 227 12.67 33.27 -24.62
N SER A 228 11.64 34.09 -24.42
CA SER A 228 11.85 35.53 -24.31
C SER A 228 12.62 35.91 -23.05
N ASP A 229 12.81 34.98 -22.12
CA ASP A 229 13.46 35.26 -20.84
C ASP A 229 14.98 35.25 -20.94
N TYR A 230 15.54 35.25 -22.14
CA TYR A 230 16.99 35.26 -22.28
C TYR A 230 17.59 36.60 -21.85
N ASP A 231 16.77 37.65 -21.81
CA ASP A 231 17.22 39.00 -21.48
C ASP A 231 16.84 39.43 -20.08
N LEU A 232 16.48 38.49 -19.21
CA LEU A 232 16.06 38.80 -17.84
C LEU A 232 17.11 38.26 -16.86
N VAL A 233 17.16 38.87 -15.69
CA VAL A 233 18.22 38.59 -14.73
C VAL A 233 17.65 38.22 -13.36
N LEU A 234 16.32 38.11 -13.27
CA LEU A 234 15.65 37.71 -12.03
C LEU A 234 15.96 38.66 -10.88
N ALA A 235 16.21 39.93 -11.20
CA ALA A 235 16.51 40.96 -10.21
C ALA A 235 17.69 40.47 -9.37
N ASP A 236 17.70 40.68 -8.05
CA ASP A 236 18.80 40.26 -7.19
C ASP A 236 20.14 40.77 -7.73
N GLU A 237 20.20 42.08 -7.96
CA GLU A 237 21.39 42.75 -8.51
C GLU A 237 21.97 41.97 -9.68
N ALA A 238 21.11 41.36 -10.49
CA ALA A 238 21.52 40.62 -11.67
C ALA A 238 22.56 39.56 -11.35
N GLU A 239 22.35 38.84 -10.24
CA GLU A 239 23.27 37.78 -9.86
C GLU A 239 23.18 36.57 -10.78
N MET A 240 22.07 36.43 -11.52
CA MET A 240 21.87 35.28 -12.38
C MET A 240 20.99 35.69 -13.56
N ASN A 241 21.03 34.85 -14.60
CA ASN A 241 20.19 35.01 -15.78
C ASN A 241 19.04 34.01 -15.72
N ARG A 242 17.84 34.46 -16.08
CA ARG A 242 16.66 33.61 -15.93
C ARG A 242 16.77 32.35 -16.80
N MET A 243 17.25 32.50 -18.03
CA MET A 243 17.44 31.33 -18.89
C MET A 243 18.47 30.38 -18.29
N HIS A 244 19.57 30.91 -17.75
CA HIS A 244 20.57 30.06 -17.13
C HIS A 244 20.01 29.31 -15.94
N ALA A 245 19.21 29.98 -15.11
CA ALA A 245 18.57 29.30 -13.99
C ALA A 245 17.60 28.23 -14.47
N SER A 246 16.84 28.51 -15.53
CA SER A 246 15.91 27.53 -16.06
C SER A 246 16.64 26.28 -16.54
N MET A 247 17.74 26.46 -17.28
CA MET A 247 18.50 25.30 -17.73
C MET A 247 19.20 24.59 -16.58
N LYS A 248 19.60 25.31 -15.53
CA LYS A 248 20.15 24.64 -14.35
C LYS A 248 19.10 23.76 -13.69
N LEU A 249 17.87 24.26 -13.57
CA LEU A 249 16.78 23.44 -13.04
C LEU A 249 16.53 22.24 -13.93
N PHE A 250 16.54 22.44 -15.25
CA PHE A 250 16.33 21.34 -16.18
C PHE A 250 17.40 20.26 -15.99
N ASP A 251 18.66 20.68 -15.90
CA ASP A 251 19.74 19.72 -15.69
C ASP A 251 19.58 18.98 -14.37
N SER A 252 19.25 19.71 -13.31
CA SER A 252 19.11 19.09 -11.99
C SER A 252 18.02 18.03 -12.01
N ILE A 253 16.88 18.35 -12.62
CA ILE A 253 15.77 17.39 -12.66
C ILE A 253 16.10 16.22 -13.58
N CYS A 254 16.67 16.48 -14.75
CA CYS A 254 16.98 15.40 -15.69
C CYS A 254 17.98 14.43 -15.10
N ASN A 255 19.02 14.95 -14.43
CA ASN A 255 20.04 14.11 -13.84
C ASN A 255 19.64 13.56 -12.47
N ASN A 256 18.45 13.88 -11.98
CA ASN A 256 18.01 13.38 -10.69
C ASN A 256 17.96 11.85 -10.69
N LYS A 257 18.35 11.26 -9.56
CA LYS A 257 18.40 9.81 -9.45
C LYS A 257 17.02 9.16 -9.53
N TRP A 258 15.97 9.89 -9.15
CA TRP A 258 14.63 9.31 -9.13
C TRP A 258 13.97 9.29 -10.49
N PHE A 259 14.56 9.94 -11.50
CA PHE A 259 13.99 10.01 -12.84
C PHE A 259 14.99 9.58 -13.90
N THR A 260 15.81 8.57 -13.59
CA THR A 260 16.82 8.11 -14.55
C THR A 260 16.19 7.54 -15.80
N ASP A 261 14.93 7.12 -15.75
CA ASP A 261 14.23 6.53 -16.89
C ASP A 261 12.87 7.19 -17.08
N THR A 262 12.83 8.52 -17.02
CA THR A 262 11.60 9.29 -17.19
C THR A 262 11.79 10.25 -18.36
N SER A 263 10.86 10.22 -19.31
CA SER A 263 10.92 11.13 -20.44
C SER A 263 10.52 12.54 -20.02
N ILE A 264 11.02 13.52 -20.76
CA ILE A 264 10.76 14.94 -20.49
C ILE A 264 10.04 15.53 -21.70
N ILE A 265 8.90 16.17 -21.45
CA ILE A 265 8.17 16.89 -22.49
C ILE A 265 8.51 18.37 -22.37
N LEU A 266 9.54 18.80 -23.09
CA LEU A 266 10.04 20.17 -22.97
C LEU A 266 9.20 21.12 -23.81
N PHE A 267 8.80 22.23 -23.22
CA PHE A 267 8.07 23.29 -23.90
C PHE A 267 8.91 24.56 -23.91
N LEU A 268 9.07 25.15 -25.09
CA LEU A 268 9.75 26.45 -25.24
C LEU A 268 8.66 27.49 -25.49
N ASN A 269 8.36 28.29 -24.48
CA ASN A 269 7.22 29.19 -24.49
C ASN A 269 7.64 30.60 -24.89
N LYS A 270 6.64 31.43 -25.19
CA LYS A 270 6.84 32.84 -25.51
C LYS A 270 7.67 33.03 -26.78
N LYS A 271 7.39 32.26 -27.82
CA LYS A 271 8.15 32.37 -29.05
C LYS A 271 7.93 33.72 -29.73
N ASP A 272 6.70 34.25 -29.71
CA ASP A 272 6.44 35.54 -30.34
C ASP A 272 7.24 36.65 -29.67
N LEU A 273 7.23 36.69 -28.34
CA LEU A 273 8.03 37.69 -27.64
C LEU A 273 9.52 37.46 -27.87
N PHE A 274 9.94 36.19 -27.96
CA PHE A 274 11.34 35.90 -28.25
C PHE A 274 11.76 36.49 -29.59
N GLU A 275 10.92 36.30 -30.61
CA GLU A 275 11.21 36.89 -31.92
C GLU A 275 11.24 38.41 -31.85
N GLU A 276 10.23 39.00 -31.21
CA GLU A 276 10.17 40.46 -31.11
C GLU A 276 11.40 41.00 -30.40
N LYS A 277 11.94 40.26 -29.44
CA LYS A 277 13.09 40.73 -28.67
C LYS A 277 14.39 40.55 -29.43
N ILE A 278 14.58 39.37 -30.05
CA ILE A 278 15.79 39.15 -30.84
C ILE A 278 15.84 40.07 -32.06
N LYS A 279 14.69 40.54 -32.54
CA LYS A 279 14.68 41.49 -33.64
C LYS A 279 15.44 42.77 -33.29
N LYS A 280 15.56 43.09 -32.00
CA LYS A 280 16.29 44.28 -31.56
C LYS A 280 17.49 43.94 -30.72
N SER A 281 17.33 43.14 -29.67
CA SER A 281 18.42 42.80 -28.76
C SER A 281 18.91 41.38 -29.07
N PRO A 282 20.14 41.19 -29.55
CA PRO A 282 20.58 39.84 -29.89
C PRO A 282 20.68 38.95 -28.66
N LEU A 283 20.45 37.66 -28.87
CA LEU A 283 20.56 36.69 -27.78
C LEU A 283 22.01 36.44 -27.38
N THR A 284 22.98 36.96 -28.13
CA THR A 284 24.38 36.74 -27.79
C THR A 284 24.71 37.21 -26.39
N ILE A 285 23.95 38.18 -25.86
CA ILE A 285 24.16 38.63 -24.49
C ILE A 285 23.90 37.48 -23.52
N CYS A 286 22.90 36.65 -23.80
CA CYS A 286 22.62 35.49 -22.96
C CYS A 286 23.63 34.37 -23.20
N TYR A 287 24.12 34.25 -24.43
CA TYR A 287 25.09 33.23 -24.82
C TYR A 287 26.30 33.94 -25.43
N PRO A 288 27.26 34.35 -24.61
CA PRO A 288 28.42 35.10 -25.16
C PRO A 288 29.19 34.32 -26.22
N GLU A 289 29.24 33.00 -26.12
CA GLU A 289 30.01 32.19 -27.06
C GLU A 289 29.21 31.80 -28.31
N TYR A 290 27.96 32.25 -28.42
CA TYR A 290 27.13 31.95 -29.59
C TYR A 290 27.39 33.01 -30.66
N ALA A 291 27.95 32.60 -31.79
CA ALA A 291 28.22 33.48 -32.92
C ALA A 291 27.48 32.90 -34.13
N GLY A 292 26.33 33.50 -34.44
CA GLY A 292 25.53 33.02 -35.56
C GLY A 292 24.45 34.02 -35.90
N SER A 293 23.60 33.62 -36.85
CA SER A 293 22.52 34.49 -37.29
C SER A 293 21.53 34.72 -36.16
N ASN A 294 20.94 35.91 -36.14
CA ASN A 294 19.99 36.31 -35.10
C ASN A 294 18.54 36.01 -35.48
N THR A 295 18.31 35.35 -36.62
CA THR A 295 16.95 35.02 -37.02
C THR A 295 16.31 34.08 -36.01
N TYR A 296 14.96 34.06 -36.01
CA TYR A 296 14.24 33.28 -35.01
C TYR A 296 14.57 31.80 -35.11
N GLU A 297 14.62 31.26 -36.33
CA GLU A 297 14.82 29.82 -36.49
C GLU A 297 16.15 29.38 -35.90
N GLU A 298 17.23 30.08 -36.25
CA GLU A 298 18.55 29.67 -35.79
C GLU A 298 18.66 29.79 -34.27
N ALA A 299 18.16 30.89 -33.71
CA ALA A 299 18.24 31.08 -32.26
C ALA A 299 17.43 30.02 -31.52
N ALA A 300 16.22 29.73 -32.02
CA ALA A 300 15.40 28.71 -31.39
C ALA A 300 16.07 27.34 -31.47
N ALA A 301 16.64 27.00 -32.62
CA ALA A 301 17.33 25.72 -32.75
C ALA A 301 18.52 25.64 -31.81
N TYR A 302 19.28 26.73 -31.69
CA TYR A 302 20.43 26.72 -30.80
C TYR A 302 20.00 26.54 -29.34
N ILE A 303 18.92 27.23 -28.94
CA ILE A 303 18.43 27.10 -27.57
C ILE A 303 17.94 25.68 -27.31
N GLN A 304 17.23 25.10 -28.28
CA GLN A 304 16.75 23.72 -28.12
C GLN A 304 17.92 22.75 -28.00
N CYS A 305 18.95 22.93 -28.83
CA CYS A 305 20.13 22.07 -28.74
C CYS A 305 20.83 22.23 -27.40
N GLN A 306 20.94 23.46 -26.91
CA GLN A 306 21.55 23.69 -25.61
C GLN A 306 20.77 23.00 -24.50
N PHE A 307 19.44 23.09 -24.55
CA PHE A 307 18.62 22.41 -23.55
C PHE A 307 18.80 20.90 -23.63
N GLU A 308 18.82 20.34 -24.84
CA GLU A 308 18.97 18.90 -24.99
C GLU A 308 20.35 18.43 -24.55
N ASP A 309 21.37 19.26 -24.71
CA ASP A 309 22.72 18.85 -24.34
C ASP A 309 22.85 18.61 -22.84
N LEU A 310 21.94 19.17 -22.05
CA LEU A 310 21.98 18.96 -20.61
C LEU A 310 21.73 17.51 -20.22
N ASN A 311 21.21 16.70 -21.14
CA ASN A 311 20.89 15.30 -20.86
C ASN A 311 22.18 14.49 -20.82
N LYS A 312 22.58 14.06 -19.63
CA LYS A 312 23.75 13.20 -19.48
C LYS A 312 23.43 11.72 -19.65
N ARG A 313 22.15 11.36 -19.74
CA ARG A 313 21.71 9.98 -19.95
C ARG A 313 20.79 9.91 -21.16
N LYS A 314 21.22 10.52 -22.27
CA LYS A 314 20.36 10.64 -23.44
C LYS A 314 19.89 9.29 -23.97
N ASP A 315 20.67 8.23 -23.77
CA ASP A 315 20.28 6.91 -24.27
C ASP A 315 19.05 6.40 -23.53
N THR A 316 18.99 6.59 -22.22
CA THR A 316 17.90 6.02 -21.43
C THR A 316 16.59 6.75 -21.67
N LYS A 317 16.62 8.07 -21.78
CA LYS A 317 15.42 8.88 -21.90
C LYS A 317 15.55 9.83 -23.08
N GLU A 318 14.40 10.20 -23.64
CA GLU A 318 14.32 11.18 -24.71
C GLU A 318 13.78 12.51 -24.18
N ILE A 319 13.90 13.55 -25.00
CA ILE A 319 13.43 14.88 -24.66
C ILE A 319 12.57 15.36 -25.84
N TYR A 320 11.26 15.38 -25.64
CA TYR A 320 10.32 15.86 -26.66
C TYR A 320 10.17 17.37 -26.51
N THR A 321 10.68 18.13 -27.47
CA THR A 321 10.68 19.58 -27.41
C THR A 321 9.62 20.15 -28.35
N HIS A 322 8.88 21.15 -27.85
CA HIS A 322 7.85 21.80 -28.63
C HIS A 322 7.87 23.29 -28.34
N PHE A 323 7.39 24.08 -29.31
CA PHE A 323 7.31 25.53 -29.20
C PHE A 323 5.85 25.93 -29.07
N THR A 324 5.56 26.81 -28.10
CA THR A 324 4.19 27.10 -27.72
C THR A 324 3.91 28.60 -27.71
N CYS A 325 2.74 28.98 -27.18
CA CYS A 325 2.28 30.36 -27.09
C CYS A 325 1.82 30.90 -28.44
N SER A 326 1.93 30.08 -29.49
CA SER A 326 1.30 30.38 -30.77
C SER A 326 0.43 29.23 -31.27
N THR A 327 0.08 28.29 -30.39
CA THR A 327 -0.59 27.06 -30.80
C THR A 327 -1.82 26.83 -29.92
N ASP A 328 -2.86 26.29 -30.53
CA ASP A 328 -4.12 25.97 -29.86
C ASP A 328 -3.99 24.56 -29.26
N THR A 329 -5.09 23.86 -28.94
CA THR A 329 -5.04 22.60 -28.20
C THR A 329 -3.98 21.64 -28.73
N LYS A 330 -3.52 21.81 -29.97
CA LYS A 330 -2.49 20.92 -30.50
C LYS A 330 -1.28 20.80 -29.59
N ASN A 331 -1.09 21.69 -28.61
CA ASN A 331 -0.13 21.42 -27.55
C ASN A 331 -0.51 20.18 -26.77
N VAL A 332 -1.81 20.02 -26.48
CA VAL A 332 -2.30 18.79 -25.88
C VAL A 332 -2.02 17.61 -26.80
N GLN A 333 -2.15 17.83 -28.11
CA GLN A 333 -1.83 16.77 -29.07
C GLN A 333 -0.36 16.36 -28.97
N PHE A 334 0.53 17.34 -28.85
CA PHE A 334 1.95 17.02 -28.69
C PHE A 334 2.20 16.26 -27.40
N VAL A 335 1.56 16.66 -26.31
CA VAL A 335 1.72 15.96 -25.04
C VAL A 335 1.24 14.52 -25.17
N PHE A 336 0.08 14.33 -25.81
CA PHE A 336 -0.46 12.99 -25.99
C PHE A 336 0.46 12.13 -26.84
N ASP A 337 1.00 12.71 -27.92
CA ASP A 337 1.90 11.95 -28.78
C ASP A 337 3.17 11.57 -28.03
N ALA A 338 3.73 12.50 -27.25
CA ALA A 338 4.92 12.17 -26.46
C ALA A 338 4.64 11.08 -25.45
N VAL A 339 3.49 11.14 -24.77
CA VAL A 339 3.15 10.11 -23.79
C VAL A 339 2.96 8.77 -24.47
N THR A 340 2.29 8.76 -25.64
CA THR A 340 2.10 7.51 -26.37
C THR A 340 3.43 6.91 -26.78
N ASP A 341 4.34 7.74 -27.28
CA ASP A 341 5.66 7.25 -27.67
C ASP A 341 6.41 6.71 -26.46
N VAL A 342 6.32 7.40 -25.31
CA VAL A 342 6.99 6.92 -24.11
C VAL A 342 6.43 5.56 -23.69
N ILE A 343 5.11 5.42 -23.74
CA ILE A 343 4.48 4.16 -23.35
C ILE A 343 4.92 3.04 -24.28
N ILE A 344 4.92 3.31 -25.59
CA ILE A 344 5.31 2.29 -26.56
C ILE A 344 6.76 1.88 -26.36
N LYS A 345 7.63 2.86 -26.14
CA LYS A 345 9.04 2.56 -25.90
C LYS A 345 9.24 1.76 -24.63
N ASN A 346 8.49 2.10 -23.57
CA ASN A 346 8.58 1.34 -22.33
C ASN A 346 8.12 -0.10 -22.53
N ASN A 347 7.04 -0.28 -23.30
CA ASN A 347 6.59 -1.64 -23.60
C ASN A 347 7.65 -2.41 -24.38
N LEU A 348 8.26 -1.77 -25.36
CA LEU A 348 9.31 -2.43 -26.14
C LEU A 348 10.50 -2.79 -25.26
N LYS A 349 10.89 -1.89 -24.36
CA LYS A 349 11.99 -2.18 -23.44
C LYS A 349 11.65 -3.35 -22.53
N ASP A 350 10.36 -3.68 -22.44
CA ASP A 350 9.99 -4.91 -21.69
C ASP A 350 10.34 -6.15 -22.53
N CYS A 351 9.80 -6.25 -23.75
CA CYS A 351 10.05 -7.37 -24.70
C CYS A 351 11.52 -7.43 -25.13
N GLY A 352 12.23 -6.30 -25.21
CA GLY A 352 13.59 -6.26 -25.77
C GLY A 352 13.65 -5.87 -27.24
N LEU A 353 12.52 -5.45 -27.81
CA LEU A 353 12.52 -4.95 -29.20
C LEU A 353 12.97 -3.48 -29.35
N PHE A 354 13.07 -2.67 -28.28
CA PHE A 354 13.66 -1.34 -28.44
C PHE A 354 14.84 -1.16 -27.48
N GLN B 13 29.50 43.60 15.18
CA GLN B 13 28.65 44.18 14.10
C GLN B 13 27.46 43.29 13.81
N GLU B 14 27.68 41.98 13.84
CA GLU B 14 26.64 40.99 13.57
C GLU B 14 26.72 39.85 14.58
N ALA B 15 26.93 40.19 15.85
CA ALA B 15 26.97 39.20 16.93
C ALA B 15 28.00 38.11 16.66
N GLU B 16 29.21 38.53 16.30
CA GLU B 16 30.29 37.58 16.04
C GLU B 16 30.68 36.83 17.31
N GLN B 17 30.76 37.54 18.43
CA GLN B 17 31.28 36.94 19.66
C GLN B 17 30.29 35.99 20.31
N LEU B 18 28.99 36.20 20.08
CA LEU B 18 27.98 35.40 20.77
C LEU B 18 28.10 33.93 20.40
N LYS B 19 28.37 33.62 19.13
CA LYS B 19 28.42 32.23 18.70
C LYS B 19 29.50 31.45 19.43
N ASN B 20 30.69 32.05 19.59
CA ASN B 20 31.79 31.34 20.22
C ASN B 20 31.53 31.09 21.69
N GLN B 21 30.87 32.03 22.37
CA GLN B 21 30.65 31.89 23.81
C GLN B 21 29.80 30.66 24.13
N ILE B 22 28.73 30.44 23.36
CA ILE B 22 27.88 29.27 23.57
C ILE B 22 28.68 28.00 23.34
N ARG B 23 29.49 27.98 22.27
CA ARG B 23 30.31 26.80 21.99
C ARG B 23 31.25 26.50 23.15
N ASP B 24 31.92 27.52 23.67
CA ASP B 24 32.84 27.32 24.78
C ASP B 24 32.09 26.83 26.02
N ALA B 25 30.94 27.43 26.31
CA ALA B 25 30.17 27.03 27.48
C ALA B 25 29.72 25.59 27.38
N ARG B 26 29.28 25.15 26.21
CA ARG B 26 28.86 23.75 26.05
C ARG B 26 30.06 22.82 26.10
N LYS B 27 31.21 23.25 25.57
CA LYS B 27 32.41 22.41 25.63
C LYS B 27 32.87 22.21 27.06
N ALA B 28 32.75 23.25 27.90
CA ALA B 28 33.25 23.15 29.27
C ALA B 28 32.51 22.08 30.06
N CYS B 29 31.30 21.71 29.64
CA CYS B 29 30.49 20.76 30.41
C CYS B 29 30.84 19.31 30.13
N ALA B 30 31.68 19.02 29.16
CA ALA B 30 32.03 17.64 28.83
C ALA B 30 32.95 17.06 29.90
N ASP B 31 32.48 16.02 30.59
CA ASP B 31 33.27 15.35 31.63
C ASP B 31 33.52 13.89 31.29
N ALA B 32 32.48 13.14 30.92
CA ALA B 32 32.61 11.72 30.59
C ALA B 32 31.58 11.36 29.55
N THR B 33 32.00 10.57 28.56
CA THR B 33 31.10 10.16 27.49
C THR B 33 30.15 9.06 27.96
N LEU B 34 29.03 8.93 27.25
CA LEU B 34 28.05 7.90 27.60
C LEU B 34 28.63 6.50 27.49
N SER B 35 29.61 6.30 26.59
CA SER B 35 30.20 4.99 26.41
C SER B 35 30.86 4.50 27.69
N GLN B 36 31.58 5.40 28.38
CA GLN B 36 32.27 5.01 29.61
C GLN B 36 31.30 4.52 30.66
N ILE B 37 30.16 5.22 30.82
CA ILE B 37 29.19 4.86 31.84
C ILE B 37 28.58 3.49 31.57
N THR B 38 28.37 3.15 30.30
CA THR B 38 27.66 1.94 29.92
C THR B 38 28.57 0.74 29.75
N ASN B 39 29.87 0.87 30.07
CA ASN B 39 30.78 -0.27 29.92
C ASN B 39 30.35 -1.44 30.78
N ASN B 40 29.89 -1.18 32.00
CA ASN B 40 29.51 -2.23 32.93
C ASN B 40 28.13 -2.81 32.65
N ILE B 41 27.38 -2.24 31.71
CA ILE B 41 26.04 -2.72 31.39
C ILE B 41 26.17 -4.00 30.57
N ASP B 42 25.48 -5.05 30.99
CA ASP B 42 25.51 -6.31 30.27
C ASP B 42 24.88 -6.14 28.89
N PRO B 43 25.45 -6.73 27.84
CA PRO B 43 24.85 -6.57 26.50
C PRO B 43 23.45 -7.17 26.44
N VAL B 44 22.58 -6.52 25.66
CA VAL B 44 21.23 -7.04 25.47
C VAL B 44 21.28 -8.36 24.73
N GLY B 45 22.14 -8.46 23.71
CA GLY B 45 22.22 -9.65 22.90
C GLY B 45 21.27 -9.61 21.72
N ARG B 46 21.40 -10.61 20.86
CA ARG B 46 20.55 -10.70 19.67
C ARG B 46 19.09 -10.78 20.09
N ILE B 47 18.25 -10.00 19.41
CA ILE B 47 16.81 -10.00 19.65
C ILE B 47 16.16 -10.79 18.52
N GLN B 48 15.44 -11.85 18.88
CA GLN B 48 14.81 -12.71 17.89
C GLN B 48 13.51 -12.09 17.39
N MET B 49 13.61 -10.91 16.77
CA MET B 49 12.43 -10.25 16.21
C MET B 49 11.94 -11.02 14.99
N ARG B 50 10.65 -11.34 14.97
CA ARG B 50 10.04 -12.05 13.85
C ARG B 50 8.70 -11.41 13.53
N THR B 51 8.41 -11.28 12.23
CA THR B 51 7.14 -10.72 11.81
C THR B 51 5.99 -11.58 12.32
N ARG B 52 4.98 -10.93 12.89
CA ARG B 52 3.81 -11.61 13.44
C ARG B 52 2.53 -11.28 12.68
N ARG B 53 2.31 -10.00 12.38
CA ARG B 53 1.15 -9.56 11.62
C ARG B 53 1.62 -8.78 10.39
N THR B 54 0.98 -9.07 9.25
CA THR B 54 1.27 -8.41 7.99
C THR B 54 0.04 -7.63 7.55
N LEU B 55 0.24 -6.37 7.22
CA LEU B 55 -0.85 -5.47 6.83
C LEU B 55 -0.69 -5.09 5.37
N ARG B 56 -1.79 -5.14 4.62
CA ARG B 56 -1.77 -4.83 3.20
C ARG B 56 -3.13 -4.24 2.80
N GLY B 57 -3.17 -3.63 1.63
CA GLY B 57 -4.42 -3.07 1.11
C GLY B 57 -4.27 -1.74 0.41
N HIS B 58 -3.32 -0.91 0.88
CA HIS B 58 -3.01 0.36 0.14
C HIS B 58 -1.83 0.04 -0.77
N LEU B 59 -2.03 0.13 -2.08
CA LEU B 59 -1.02 -0.27 -3.05
C LEU B 59 0.15 0.69 -3.12
N ALA B 60 -0.08 1.99 -3.00
CA ALA B 60 0.97 2.97 -3.17
C ALA B 60 1.96 2.90 -2.00
N LYS B 61 2.96 3.77 -2.05
CA LYS B 61 4.02 3.77 -1.05
C LYS B 61 3.50 4.31 0.29
N ILE B 62 3.78 3.58 1.37
CA ILE B 62 3.37 4.01 2.70
C ILE B 62 4.41 4.97 3.25
N TYR B 63 3.94 6.06 3.86
CA TYR B 63 4.82 7.14 4.31
C TYR B 63 4.77 7.41 5.81
N ALA B 64 3.67 7.08 6.49
CA ALA B 64 3.54 7.44 7.88
C ALA B 64 2.79 6.35 8.64
N MET B 65 3.21 6.10 9.87
CA MET B 65 2.57 5.15 10.77
C MET B 65 2.68 5.68 12.19
N HIS B 66 1.62 5.45 12.98
CA HIS B 66 1.60 5.91 14.36
C HIS B 66 0.68 5.01 15.17
N TRP B 67 1.13 4.61 16.36
CA TRP B 67 0.35 3.75 17.24
C TRP B 67 -0.67 4.58 18.02
N GLY B 68 -1.79 3.95 18.37
CA GLY B 68 -2.74 4.57 19.26
C GLY B 68 -2.35 4.37 20.71
N THR B 69 -3.10 5.03 21.59
CA THR B 69 -2.83 4.92 23.03
C THR B 69 -3.14 3.52 23.55
N ASP B 70 -4.13 2.85 22.98
CA ASP B 70 -4.52 1.51 23.41
C ASP B 70 -3.49 0.44 23.05
N SER B 71 -2.48 0.78 22.24
CA SER B 71 -1.43 -0.16 21.83
C SER B 71 -1.98 -1.28 20.95
N ARG B 72 -3.17 -1.10 20.39
CA ARG B 72 -3.75 -2.11 19.50
C ARG B 72 -4.20 -1.47 18.20
N LEU B 73 -4.52 -0.17 18.23
CA LEU B 73 -4.92 0.55 17.03
C LEU B 73 -3.77 1.43 16.54
N LEU B 74 -3.49 1.32 15.24
CA LEU B 74 -2.46 2.12 14.61
C LEU B 74 -2.99 2.69 13.31
N VAL B 75 -2.47 3.84 12.91
CA VAL B 75 -2.90 4.56 11.72
C VAL B 75 -1.73 4.61 10.73
N SER B 76 -2.02 4.29 9.48
CA SER B 76 -1.03 4.32 8.41
C SER B 76 -1.53 5.21 7.28
N ALA B 77 -0.59 5.87 6.60
CA ALA B 77 -0.90 6.77 5.49
C ALA B 77 -0.10 6.36 4.27
N SER B 78 -0.73 6.43 3.10
CA SER B 78 -0.12 6.02 1.85
C SER B 78 -0.33 7.08 0.79
N GLN B 79 0.53 7.04 -0.23
CA GLN B 79 0.47 8.02 -1.32
C GLN B 79 -0.73 7.85 -2.23
N ASP B 80 -1.51 6.78 -2.08
CA ASP B 80 -2.71 6.57 -2.88
C ASP B 80 -3.92 7.34 -2.34
N GLY B 81 -3.69 8.37 -1.53
CA GLY B 81 -4.79 9.12 -0.96
C GLY B 81 -5.64 8.33 0.00
N LYS B 82 -5.02 7.47 0.81
CA LYS B 82 -5.73 6.65 1.77
C LYS B 82 -4.91 6.53 3.05
N LEU B 83 -5.56 6.79 4.18
CA LEU B 83 -4.98 6.48 5.49
C LEU B 83 -5.85 5.41 6.14
N ILE B 84 -5.21 4.36 6.62
CA ILE B 84 -5.90 3.17 7.13
C ILE B 84 -5.57 3.01 8.61
N ILE B 85 -6.61 2.80 9.41
CA ILE B 85 -6.46 2.46 10.82
C ILE B 85 -6.62 0.96 10.94
N TRP B 86 -5.66 0.31 11.60
CA TRP B 86 -5.57 -1.15 11.62
C TRP B 86 -5.79 -1.67 13.04
N ASP B 87 -6.44 -2.83 13.13
CA ASP B 87 -6.51 -3.58 14.38
C ASP B 87 -5.26 -4.44 14.47
N SER B 88 -4.36 -4.08 15.39
CA SER B 88 -3.04 -4.69 15.42
C SER B 88 -3.12 -6.19 15.65
N TYR B 89 -3.97 -6.62 16.59
CA TYR B 89 -4.01 -8.04 16.94
C TYR B 89 -4.54 -8.89 15.79
N THR B 90 -5.69 -8.50 15.22
CA THR B 90 -6.36 -9.30 14.21
C THR B 90 -6.12 -8.80 12.78
N THR B 91 -5.37 -7.71 12.61
CA THR B 91 -5.06 -7.14 11.30
C THR B 91 -6.30 -6.60 10.59
N ASN B 92 -7.42 -6.49 11.29
CA ASN B 92 -8.65 -6.04 10.65
C ASN B 92 -8.58 -4.53 10.39
N LYS B 93 -8.94 -4.14 9.17
CA LYS B 93 -9.04 -2.72 8.84
C LYS B 93 -10.30 -2.15 9.47
N VAL B 94 -10.14 -1.13 10.31
CA VAL B 94 -11.27 -0.55 11.01
C VAL B 94 -11.80 0.68 10.27
N HIS B 95 -10.92 1.44 9.62
CA HIS B 95 -11.34 2.63 8.89
C HIS B 95 -10.40 2.83 7.70
N ALA B 96 -10.98 3.32 6.60
CA ALA B 96 -10.23 3.71 5.42
C ALA B 96 -10.80 5.02 4.90
N ILE B 97 -10.00 6.08 4.98
CA ILE B 97 -10.46 7.45 4.72
C ILE B 97 -9.93 7.88 3.36
N PRO B 98 -10.78 8.34 2.43
CA PRO B 98 -10.29 8.89 1.17
C PRO B 98 -9.82 10.32 1.34
N LEU B 99 -8.53 10.55 1.06
CA LEU B 99 -7.93 11.86 1.24
C LEU B 99 -8.10 12.70 -0.03
N ARG B 100 -8.55 13.94 0.13
CA ARG B 100 -8.65 14.84 -1.01
C ARG B 100 -7.29 15.17 -1.57
N SER B 101 -6.27 15.27 -0.72
CA SER B 101 -4.89 15.48 -1.13
C SER B 101 -4.18 14.13 -0.97
N SER B 102 -3.74 13.57 -2.10
CA SER B 102 -3.16 12.24 -2.09
C SER B 102 -1.67 12.25 -1.79
N TRP B 103 -1.07 13.42 -1.56
CA TRP B 103 0.36 13.50 -1.32
C TRP B 103 0.69 13.44 0.17
N VAL B 104 -0.18 12.80 0.94
CA VAL B 104 0.02 12.70 2.39
C VAL B 104 1.40 12.16 2.68
N MET B 105 2.12 12.82 3.60
CA MET B 105 3.43 12.38 4.04
C MET B 105 3.52 12.17 5.54
N THR B 106 2.45 12.44 6.29
CA THR B 106 2.46 12.25 7.73
C THR B 106 1.05 11.92 8.21
N CYS B 107 0.99 11.28 9.38
CA CYS B 107 -0.28 10.99 10.02
C CYS B 107 -0.03 10.81 11.51
N ALA B 108 -1.09 10.93 12.30
CA ALA B 108 -0.97 10.81 13.75
C ALA B 108 -2.28 10.29 14.33
N TYR B 109 -2.19 9.77 15.55
CA TYR B 109 -3.34 9.24 16.27
C TYR B 109 -3.54 10.04 17.56
N ALA B 110 -4.74 10.54 17.77
CA ALA B 110 -5.02 11.35 18.94
C ALA B 110 -4.86 10.50 20.20
N PRO B 111 -4.42 11.09 21.32
CA PRO B 111 -4.29 10.30 22.55
C PRO B 111 -5.59 9.65 22.99
N SER B 112 -6.71 10.34 22.81
CA SER B 112 -8.01 9.76 23.17
C SER B 112 -8.51 8.79 22.10
N GLY B 113 -7.88 8.75 20.93
CA GLY B 113 -8.33 7.88 19.87
C GLY B 113 -9.55 8.37 19.13
N ASN B 114 -9.95 9.62 19.34
CA ASN B 114 -11.15 10.16 18.71
C ASN B 114 -10.85 10.90 17.41
N TYR B 115 -9.65 11.45 17.27
CA TYR B 115 -9.30 12.27 16.12
C TYR B 115 -8.02 11.76 15.47
N VAL B 116 -7.93 11.96 14.15
CA VAL B 116 -6.77 11.58 13.36
C VAL B 116 -6.42 12.74 12.42
N ALA B 117 -5.12 12.99 12.28
CA ALA B 117 -4.62 14.05 11.43
C ALA B 117 -3.65 13.48 10.40
N CYS B 118 -3.56 14.15 9.26
CA CYS B 118 -2.63 13.75 8.20
C CYS B 118 -2.31 14.96 7.35
N GLY B 119 -1.10 14.98 6.82
CA GLY B 119 -0.65 16.09 5.98
C GLY B 119 0.30 15.58 4.92
N GLY B 120 0.43 16.36 3.84
CA GLY B 120 1.27 15.98 2.72
C GLY B 120 1.87 17.18 2.05
N LEU B 121 2.07 17.09 0.74
CA LEU B 121 2.64 18.20 -0.03
C LEU B 121 1.70 19.40 -0.10
N ASP B 122 0.44 19.23 0.26
CA ASP B 122 -0.45 20.37 0.43
C ASP B 122 -0.04 21.16 1.67
N ASN B 123 -0.79 22.21 1.97
CA ASN B 123 -0.52 23.09 3.10
C ASN B 123 -1.63 23.00 4.14
N ILE B 124 -2.14 21.79 4.36
CA ILE B 124 -3.23 21.57 5.30
C ILE B 124 -3.01 20.23 6.00
N CYS B 125 -3.30 20.18 7.29
CA CYS B 125 -3.35 18.93 8.07
C CYS B 125 -4.79 18.75 8.51
N SER B 126 -5.58 18.10 7.66
CA SER B 126 -7.00 17.92 7.96
C SER B 126 -7.17 17.10 9.24
N ILE B 127 -8.10 17.53 10.08
CA ILE B 127 -8.43 16.84 11.32
C ILE B 127 -9.64 15.95 11.06
N TYR B 128 -9.48 14.65 11.28
CA TYR B 128 -10.53 13.68 11.06
C TYR B 128 -11.09 13.21 12.39
N ASN B 129 -12.41 13.25 12.53
CA ASN B 129 -13.09 12.85 13.77
C ASN B 129 -13.56 11.41 13.61
N LEU B 130 -12.90 10.49 14.29
CA LEU B 130 -13.29 9.08 14.22
C LEU B 130 -14.62 8.83 14.91
N LYS B 131 -14.84 9.43 16.08
CA LYS B 131 -16.05 9.21 16.87
C LYS B 131 -17.09 10.24 16.45
N THR B 132 -18.05 9.81 15.65
CA THR B 132 -19.15 10.66 15.20
C THR B 132 -20.46 9.88 15.30
N ARG B 133 -21.54 10.59 15.60
CA ARG B 133 -22.85 9.94 15.61
C ARG B 133 -23.21 9.40 14.23
N GLU B 134 -22.78 10.10 13.18
CA GLU B 134 -22.99 9.62 11.82
C GLU B 134 -22.09 8.44 11.47
N GLY B 135 -21.11 8.13 12.32
CA GLY B 135 -20.31 6.92 12.18
C GLY B 135 -19.52 6.84 10.90
N ASN B 136 -18.92 7.95 10.49
CA ASN B 136 -17.99 7.96 9.37
C ASN B 136 -16.90 8.99 9.67
N VAL B 137 -15.75 8.80 9.04
CA VAL B 137 -14.59 9.65 9.30
C VAL B 137 -14.73 10.86 8.37
N ARG B 138 -15.27 11.94 8.93
CA ARG B 138 -15.49 13.19 8.19
C ARG B 138 -14.49 14.25 8.64
N VAL B 139 -14.11 15.12 7.72
CA VAL B 139 -13.15 16.19 8.01
C VAL B 139 -13.77 17.14 9.04
N SER B 140 -13.16 17.19 10.22
CA SER B 140 -13.65 18.08 11.27
C SER B 140 -13.21 19.52 11.00
N ARG B 141 -11.90 19.74 10.92
CA ARG B 141 -11.34 21.05 10.65
C ARG B 141 -10.09 20.91 9.80
N GLU B 142 -9.88 21.88 8.92
CA GLU B 142 -8.70 21.94 8.06
C GLU B 142 -7.79 23.04 8.58
N LEU B 143 -6.57 22.67 8.96
CA LEU B 143 -5.61 23.60 9.54
C LEU B 143 -4.74 24.26 8.46
N ALA B 144 -5.41 25.05 7.61
CA ALA B 144 -4.70 25.78 6.57
C ALA B 144 -3.96 26.97 7.18
N GLY B 145 -2.89 27.39 6.52
CA GLY B 145 -2.09 28.49 6.99
C GLY B 145 -0.60 28.32 6.74
N HIS B 146 -0.20 27.13 6.29
CA HIS B 146 1.20 26.89 5.97
C HIS B 146 1.50 27.32 4.54
N THR B 147 2.76 27.71 4.31
CA THR B 147 3.23 28.04 2.98
C THR B 147 3.99 26.90 2.31
N GLY B 148 4.31 25.83 3.05
CA GLY B 148 5.00 24.70 2.48
C GLY B 148 4.34 23.40 2.89
N TYR B 149 4.89 22.30 2.37
CA TYR B 149 4.36 20.98 2.67
C TYR B 149 4.46 20.70 4.17
N LEU B 150 3.50 19.92 4.67
CA LEU B 150 3.45 19.56 6.08
C LEU B 150 4.28 18.30 6.31
N SER B 151 5.23 18.38 7.24
CA SER B 151 6.14 17.28 7.48
C SER B 151 5.63 16.34 8.56
N CYS B 152 5.00 16.87 9.60
CA CYS B 152 4.50 16.04 10.68
C CYS B 152 3.49 16.83 11.51
N CYS B 153 2.40 16.18 11.88
CA CYS B 153 1.35 16.77 12.72
C CYS B 153 1.07 15.83 13.88
N ARG B 154 1.42 16.24 15.10
CA ARG B 154 1.27 15.42 16.29
C ARG B 154 0.31 16.09 17.26
N PHE B 155 -0.64 15.32 17.78
CA PHE B 155 -1.65 15.85 18.67
C PHE B 155 -1.09 16.08 20.08
N LEU B 156 -1.55 17.14 20.73
CA LEU B 156 -1.32 17.36 22.15
C LEU B 156 -2.52 16.92 22.98
N ASP B 157 -3.70 17.45 22.64
CA ASP B 157 -4.94 17.06 23.28
C ASP B 157 -6.02 16.87 22.23
N ASP B 158 -7.28 16.74 22.66
CA ASP B 158 -8.38 16.62 21.70
C ASP B 158 -8.62 17.91 20.94
N ASN B 159 -8.04 19.02 21.39
CA ASN B 159 -8.26 20.33 20.77
C ASN B 159 -6.99 20.99 20.25
N GLN B 160 -5.81 20.55 20.68
CA GLN B 160 -4.55 21.15 20.28
C GLN B 160 -3.69 20.14 19.54
N ILE B 161 -3.12 20.56 18.42
CA ILE B 161 -2.25 19.73 17.61
C ILE B 161 -1.09 20.59 17.11
N VAL B 162 0.11 20.03 17.14
CA VAL B 162 1.32 20.71 16.69
C VAL B 162 1.68 20.19 15.30
N THR B 163 1.98 21.11 14.39
CA THR B 163 2.25 20.77 12.99
C THR B 163 3.65 21.22 12.60
N SER B 164 4.29 20.43 11.75
CA SER B 164 5.60 20.75 11.19
C SER B 164 5.45 20.84 9.68
N SER B 165 6.02 21.91 9.09
CA SER B 165 5.86 22.18 7.67
C SER B 165 7.20 22.50 7.04
N GLY B 166 7.30 22.24 5.74
CA GLY B 166 8.54 22.46 5.01
C GLY B 166 8.93 23.91 4.86
N ASP B 167 8.05 24.85 5.24
CA ASP B 167 8.35 26.27 5.17
C ASP B 167 9.17 26.75 6.37
N THR B 168 9.77 25.83 7.13
CA THR B 168 10.65 26.11 8.27
C THR B 168 9.87 26.55 9.51
N THR B 169 8.55 26.51 9.49
CA THR B 169 7.73 26.99 10.60
C THR B 169 6.91 25.87 11.19
N CYS B 170 6.93 25.76 12.51
CA CYS B 170 6.06 24.87 13.27
C CYS B 170 4.98 25.71 13.94
N ALA B 171 3.74 25.25 13.87
CA ALA B 171 2.59 26.02 14.35
C ALA B 171 1.76 25.17 15.29
N LEU B 172 1.43 25.73 16.46
CA LEU B 172 0.46 25.11 17.35
C LEU B 172 -0.94 25.54 16.94
N TRP B 173 -1.83 24.57 16.77
CA TRP B 173 -3.17 24.80 16.23
C TRP B 173 -4.22 24.49 17.28
N ASP B 174 -5.17 25.40 17.46
CA ASP B 174 -6.40 25.13 18.21
C ASP B 174 -7.42 24.62 17.21
N ILE B 175 -7.82 23.34 17.35
CA ILE B 175 -8.68 22.72 16.35
C ILE B 175 -10.01 23.45 16.27
N GLU B 176 -10.59 23.79 17.42
CA GLU B 176 -11.89 24.45 17.42
C GLU B 176 -11.82 25.80 16.71
N THR B 177 -10.80 26.59 17.00
CA THR B 177 -10.67 27.89 16.35
C THR B 177 -10.14 27.74 14.92
N GLY B 178 -9.29 26.75 14.68
CA GLY B 178 -8.71 26.58 13.37
C GLY B 178 -7.62 27.57 13.02
N GLN B 179 -6.99 28.18 14.02
CA GLN B 179 -5.94 29.16 13.82
C GLN B 179 -4.72 28.79 14.65
N GLN B 180 -3.57 29.29 14.23
CA GLN B 180 -2.32 28.97 14.91
C GLN B 180 -2.26 29.66 16.27
N THR B 181 -2.17 28.86 17.33
CA THR B 181 -1.99 29.41 18.67
C THR B 181 -0.59 29.98 18.85
N THR B 182 0.42 29.24 18.40
CA THR B 182 1.81 29.66 18.53
C THR B 182 2.56 29.23 17.28
N THR B 183 3.40 30.12 16.76
CA THR B 183 4.20 29.86 15.56
C THR B 183 5.66 29.87 15.93
N PHE B 184 6.37 28.79 15.57
CA PHE B 184 7.80 28.65 15.83
C PHE B 184 8.54 28.81 14.50
N THR B 185 9.42 29.82 14.43
CA THR B 185 10.12 30.15 13.20
C THR B 185 11.63 30.21 13.39
N GLY B 186 12.15 29.55 14.42
CA GLY B 186 13.58 29.58 14.67
C GLY B 186 14.41 28.74 13.71
N HIS B 187 13.81 27.74 13.08
CA HIS B 187 14.55 26.88 12.16
C HIS B 187 14.88 27.63 10.88
N THR B 188 16.15 27.57 10.48
CA THR B 188 16.56 28.18 9.22
C THR B 188 16.09 27.35 8.03
N GLY B 189 16.21 26.02 8.13
CA GLY B 189 15.80 25.13 7.07
C GLY B 189 14.43 24.49 7.34
N ASP B 190 14.03 23.65 6.39
CA ASP B 190 12.74 22.98 6.48
C ASP B 190 12.74 21.99 7.63
N VAL B 191 11.65 21.97 8.39
CA VAL B 191 11.49 21.03 9.50
C VAL B 191 10.84 19.76 8.97
N MET B 192 11.46 18.62 9.24
CA MET B 192 11.07 17.34 8.65
C MET B 192 10.28 16.45 9.60
N SER B 193 10.54 16.52 10.90
CA SER B 193 9.91 15.62 11.85
C SER B 193 9.52 16.38 13.12
N LEU B 194 8.53 15.83 13.83
CA LEU B 194 8.01 16.44 15.05
C LEU B 194 7.92 15.36 16.13
N SER B 195 8.41 15.69 17.33
CA SER B 195 8.39 14.77 18.45
C SER B 195 7.90 15.51 19.69
N LEU B 196 6.94 14.90 20.39
CA LEU B 196 6.34 15.49 21.58
C LEU B 196 6.90 14.82 22.83
N ALA B 197 7.14 15.63 23.86
CA ALA B 197 7.64 15.09 25.12
C ALA B 197 6.53 14.35 25.84
N PRO B 198 6.88 13.45 26.78
CA PRO B 198 5.83 12.71 27.50
C PRO B 198 4.84 13.62 28.21
N ASP B 199 5.30 14.73 28.80
CA ASP B 199 4.40 15.65 29.48
C ASP B 199 3.64 16.54 28.51
N THR B 200 4.09 16.64 27.26
CA THR B 200 3.46 17.44 26.20
C THR B 200 3.60 18.94 26.46
N ARG B 201 4.34 19.34 27.50
CA ARG B 201 4.58 20.76 27.73
C ARG B 201 5.64 21.33 26.79
N LEU B 202 6.43 20.49 26.15
CA LEU B 202 7.46 20.93 25.23
C LEU B 202 7.64 19.87 24.15
N PHE B 203 8.22 20.28 23.03
CA PHE B 203 8.45 19.39 21.90
C PHE B 203 9.72 19.81 21.19
N VAL B 204 10.28 18.88 20.41
CA VAL B 204 11.49 19.11 19.65
C VAL B 204 11.19 18.82 18.18
N SER B 205 11.91 19.51 17.30
CA SER B 205 11.72 19.39 15.87
C SER B 205 13.07 19.27 15.18
N GLY B 206 13.13 18.45 14.14
CA GLY B 206 14.33 18.29 13.31
C GLY B 206 14.14 19.02 11.99
N ALA B 207 15.24 19.50 11.43
CA ALA B 207 15.19 20.33 10.23
C ALA B 207 16.30 19.92 9.26
N CYS B 208 16.14 20.39 8.02
CA CYS B 208 17.12 20.10 6.98
C CYS B 208 18.44 20.84 7.20
N ASP B 209 18.49 21.77 8.16
CA ASP B 209 19.71 22.48 8.47
C ASP B 209 20.62 21.64 9.35
N ALA B 210 20.35 20.33 9.43
CA ALA B 210 21.15 19.41 10.24
C ALA B 210 21.16 19.83 11.70
N SER B 211 20.02 20.31 12.20
CA SER B 211 19.91 20.76 13.57
C SER B 211 18.50 20.51 14.08
N ALA B 212 18.39 20.44 15.41
CA ALA B 212 17.10 20.28 16.08
C ALA B 212 17.01 21.31 17.20
N LYS B 213 15.80 21.80 17.44
CA LYS B 213 15.56 22.86 18.41
C LYS B 213 14.47 22.45 19.39
N LEU B 214 14.62 22.87 20.64
CA LEU B 214 13.66 22.59 21.69
C LEU B 214 12.64 23.72 21.75
N TRP B 215 11.36 23.38 21.68
CA TRP B 215 10.27 24.34 21.65
C TRP B 215 9.39 24.16 22.88
N ASP B 216 9.06 25.28 23.53
CA ASP B 216 8.16 25.27 24.68
C ASP B 216 6.75 25.62 24.19
N VAL B 217 5.80 24.74 24.45
CA VAL B 217 4.47 24.89 23.87
C VAL B 217 3.75 26.11 24.43
N ARG B 218 3.77 26.27 25.76
CA ARG B 218 2.90 27.28 26.39
C ARG B 218 3.38 28.70 26.12
N GLU B 219 4.69 28.93 26.00
CA GLU B 219 5.23 30.26 25.79
C GLU B 219 5.60 30.56 24.34
N GLY B 220 6.20 29.60 23.62
CA GLY B 220 6.49 29.78 22.22
C GLY B 220 7.86 30.33 21.89
N MET B 221 8.90 29.89 22.59
CA MET B 221 10.26 30.32 22.33
C MET B 221 11.20 29.12 22.35
N CYS B 222 12.24 29.18 21.53
CA CYS B 222 13.25 28.14 21.50
C CYS B 222 14.04 28.15 22.80
N ARG B 223 14.19 26.99 23.42
CA ARG B 223 14.95 26.87 24.65
C ARG B 223 16.33 26.27 24.45
N GLN B 224 16.48 25.37 23.47
CA GLN B 224 17.77 24.76 23.19
C GLN B 224 17.85 24.42 21.71
N THR B 225 19.07 24.30 21.21
CA THR B 225 19.34 23.92 19.84
C THR B 225 20.41 22.85 19.81
N PHE B 226 20.30 21.93 18.84
CA PHE B 226 21.24 20.83 18.68
C PHE B 226 21.69 20.78 17.22
N THR B 227 23.00 20.61 17.01
CA THR B 227 23.58 20.67 15.68
C THR B 227 24.61 19.59 15.40
N GLY B 228 24.46 18.40 15.98
CA GLY B 228 25.45 17.34 15.78
C GLY B 228 25.40 16.66 14.43
N HIS B 229 24.28 16.73 13.72
CA HIS B 229 24.14 16.01 12.46
C HIS B 229 24.87 16.73 11.33
N GLU B 230 25.24 15.95 10.31
CA GLU B 230 25.94 16.49 9.15
C GLU B 230 25.02 16.84 8.00
N SER B 231 23.82 16.23 7.95
CA SER B 231 22.90 16.45 6.84
C SER B 231 21.49 16.63 7.40
N ASP B 232 20.51 16.64 6.51
CA ASP B 232 19.13 16.92 6.89
C ASP B 232 18.62 15.88 7.89
N ILE B 233 17.99 16.35 8.95
CA ILE B 233 17.39 15.46 9.94
C ILE B 233 16.01 15.04 9.44
N ASN B 234 15.76 13.73 9.43
CA ASN B 234 14.52 13.19 8.89
C ASN B 234 13.51 12.77 9.97
N ALA B 235 13.97 12.18 11.07
CA ALA B 235 13.08 11.66 12.09
C ALA B 235 13.61 12.00 13.47
N ILE B 236 12.69 12.12 14.43
CA ILE B 236 13.03 12.36 15.82
C ILE B 236 12.03 11.64 16.70
N CYS B 237 12.48 11.20 17.87
CA CYS B 237 11.62 10.55 18.84
C CYS B 237 12.12 10.87 20.24
N PHE B 238 11.20 11.15 21.14
CA PHE B 238 11.57 11.47 22.52
C PHE B 238 11.88 10.21 23.31
N PHE B 239 12.94 10.29 24.12
CA PHE B 239 13.23 9.20 25.03
C PHE B 239 12.09 9.07 26.04
N PRO B 240 11.71 7.84 26.42
CA PRO B 240 10.53 7.69 27.29
C PRO B 240 10.61 8.47 28.58
N ASN B 241 11.80 8.60 29.18
CA ASN B 241 11.93 9.39 30.39
C ASN B 241 11.62 10.86 30.17
N GLY B 242 11.71 11.34 28.92
CA GLY B 242 11.41 12.72 28.60
C GLY B 242 12.56 13.67 28.71
N ASN B 243 13.72 13.23 29.19
CA ASN B 243 14.89 14.08 29.34
C ASN B 243 15.84 14.00 28.15
N ALA B 244 15.50 13.23 27.12
CA ALA B 244 16.36 13.09 25.96
C ALA B 244 15.52 12.69 24.76
N PHE B 245 16.11 12.85 23.57
CA PHE B 245 15.44 12.46 22.34
C PHE B 245 16.50 12.06 21.31
N ALA B 246 16.07 11.29 20.32
CA ALA B 246 16.94 10.80 19.27
C ALA B 246 16.64 11.51 17.96
N THR B 247 17.65 11.61 17.11
CA THR B 247 17.55 12.28 15.82
C THR B 247 18.01 11.35 14.71
N GLY B 248 17.32 11.37 13.59
CA GLY B 248 17.72 10.62 12.41
C GLY B 248 17.85 11.54 11.21
N SER B 249 18.95 11.36 10.47
CA SER B 249 19.29 12.26 9.37
C SER B 249 19.80 11.44 8.19
N ASP B 250 20.17 12.14 7.12
CA ASP B 250 20.68 11.50 5.91
C ASP B 250 22.12 11.06 6.06
N ASP B 251 22.75 11.30 7.21
CA ASP B 251 24.13 10.90 7.44
C ASP B 251 24.28 9.38 7.54
N ALA B 252 23.18 8.63 7.58
CA ALA B 252 23.19 7.21 7.86
C ALA B 252 23.49 6.94 9.33
N THR B 253 23.27 7.95 10.17
CA THR B 253 23.54 7.86 11.60
C THR B 253 22.39 8.53 12.34
N CYS B 254 22.18 8.09 13.58
CA CYS B 254 21.24 8.72 14.48
C CYS B 254 21.94 9.00 15.79
N ARG B 255 21.51 10.08 16.45
CA ARG B 255 22.22 10.60 17.61
C ARG B 255 21.22 10.83 18.74
N LEU B 256 21.71 10.71 19.98
CA LEU B 256 20.92 10.91 21.17
C LEU B 256 21.27 12.25 21.78
N PHE B 257 20.26 13.10 22.02
CA PHE B 257 20.45 14.41 22.60
C PHE B 257 19.68 14.49 23.91
N ASP B 258 20.33 15.03 24.94
CA ASP B 258 19.73 15.21 26.25
C ASP B 258 19.41 16.68 26.48
N LEU B 259 18.16 16.96 26.89
CA LEU B 259 17.72 18.34 27.07
C LEU B 259 18.45 19.03 28.21
N ARG B 260 18.89 18.30 29.22
CA ARG B 260 19.55 18.89 30.38
C ARG B 260 21.05 19.10 30.17
N ALA B 261 21.61 18.60 29.07
CA ALA B 261 23.04 18.76 28.80
C ALA B 261 23.32 19.49 27.50
N ASP B 262 22.36 19.57 26.59
CA ASP B 262 22.50 20.26 25.30
C ASP B 262 23.60 19.66 24.43
N GLN B 263 24.03 18.43 24.72
CA GLN B 263 25.14 17.81 24.01
C GLN B 263 24.76 16.40 23.57
N GLU B 264 25.35 15.98 22.45
CA GLU B 264 25.16 14.61 21.97
C GLU B 264 25.96 13.65 22.84
N LEU B 265 25.27 12.64 23.39
CA LEU B 265 25.95 11.68 24.26
C LEU B 265 26.58 10.54 23.45
N MET B 266 25.90 10.06 22.42
CA MET B 266 26.42 8.97 21.61
C MET B 266 25.75 8.97 20.26
N THR B 267 26.40 8.35 19.29
CA THR B 267 25.90 8.22 17.94
C THR B 267 25.74 6.75 17.59
N TYR B 268 24.75 6.45 16.75
CA TYR B 268 24.43 5.09 16.33
C TYR B 268 24.69 5.00 14.82
N SER B 269 25.80 4.38 14.46
CA SER B 269 26.18 4.26 13.06
C SER B 269 27.04 3.02 12.87
N HIS B 270 27.13 2.58 11.62
CA HIS B 270 27.94 1.42 11.27
C HIS B 270 28.64 1.70 9.94
N ASP B 271 29.79 1.04 9.76
CA ASP B 271 30.58 1.28 8.55
C ASP B 271 29.82 0.84 7.31
N ASN B 272 29.11 -0.29 7.38
CA ASN B 272 28.40 -0.83 6.23
C ASN B 272 27.07 -0.15 5.96
N ILE B 273 26.69 0.83 6.77
CA ILE B 273 25.46 1.60 6.57
C ILE B 273 25.87 2.97 6.05
N ILE B 274 25.41 3.32 4.85
CA ILE B 274 25.82 4.54 4.19
C ILE B 274 24.61 5.37 3.81
N CYS B 275 23.45 4.74 3.69
CA CYS B 275 22.24 5.43 3.30
C CYS B 275 21.55 6.07 4.51
N GLY B 276 20.69 7.03 4.23
CA GLY B 276 20.11 7.83 5.30
C GLY B 276 19.07 7.07 6.11
N ILE B 277 18.62 7.73 7.17
CA ILE B 277 17.63 7.16 8.09
C ILE B 277 16.30 7.85 7.85
N THR B 278 15.23 7.04 7.75
CA THR B 278 13.90 7.56 7.48
C THR B 278 13.00 7.62 8.71
N SER B 279 13.28 6.80 9.73
CA SER B 279 12.41 6.72 10.89
C SER B 279 13.22 6.42 12.13
N VAL B 280 12.65 6.75 13.29
CA VAL B 280 13.30 6.51 14.57
C VAL B 280 12.20 6.37 15.62
N SER B 281 12.40 5.44 16.56
CA SER B 281 11.46 5.24 17.65
C SER B 281 12.19 4.56 18.80
N PHE B 282 11.63 4.71 19.99
CA PHE B 282 12.17 4.13 21.22
C PHE B 282 11.24 3.06 21.76
N SER B 283 11.83 2.08 22.44
CA SER B 283 11.05 1.10 23.18
C SER B 283 10.57 1.70 24.49
N LYS B 284 9.61 1.03 25.12
CA LYS B 284 9.04 1.56 26.36
C LYS B 284 10.09 1.72 27.44
N SER B 285 10.98 0.73 27.59
CA SER B 285 12.06 0.85 28.56
C SER B 285 13.13 1.85 28.11
N GLY B 286 13.16 2.18 26.81
CA GLY B 286 14.16 3.08 26.28
C GLY B 286 15.51 2.45 26.00
N ARG B 287 15.65 1.14 26.21
CA ARG B 287 16.93 0.48 25.99
C ARG B 287 17.20 0.21 24.52
N LEU B 288 16.18 0.26 23.67
CA LEU B 288 16.31 -0.07 22.25
C LEU B 288 15.86 1.12 21.41
N LEU B 289 16.62 1.37 20.34
CA LEU B 289 16.32 2.45 19.40
C LEU B 289 15.89 1.83 18.08
N LEU B 290 14.60 1.96 17.74
CA LEU B 290 14.06 1.41 16.51
C LEU B 290 14.25 2.44 15.40
N ALA B 291 15.20 2.20 14.51
CA ALA B 291 15.55 3.13 13.44
C ALA B 291 15.27 2.46 12.10
N GLY B 292 14.55 3.16 11.23
CA GLY B 292 14.31 2.68 9.88
C GLY B 292 15.27 3.29 8.88
N TYR B 293 15.90 2.45 8.07
CA TYR B 293 16.93 2.88 7.13
C TYR B 293 16.43 2.72 5.70
N ASP B 294 17.17 3.33 4.78
CA ASP B 294 16.84 3.28 3.36
C ASP B 294 17.33 2.00 2.69
N ASP B 295 18.04 1.13 3.41
CA ASP B 295 18.52 -0.12 2.83
C ASP B 295 17.46 -1.21 3.01
N PHE B 296 16.22 -0.81 3.21
CA PHE B 296 15.04 -1.67 3.31
C PHE B 296 14.95 -2.39 4.65
N ASN B 297 15.87 -2.14 5.57
CA ASN B 297 15.93 -2.86 6.85
C ASN B 297 15.85 -1.89 8.02
N CYS B 298 15.43 -2.41 9.15
CA CYS B 298 15.39 -1.67 10.41
C CYS B 298 16.44 -2.26 11.36
N ASN B 299 17.24 -1.38 11.95
CA ASN B 299 18.31 -1.77 12.87
C ASN B 299 17.92 -1.40 14.29
N VAL B 300 17.96 -2.37 15.19
CA VAL B 300 17.69 -2.14 16.60
C VAL B 300 19.02 -1.83 17.28
N TRP B 301 19.09 -0.67 17.92
CA TRP B 301 20.32 -0.16 18.51
C TRP B 301 20.21 -0.19 20.02
N ASP B 302 21.25 -0.71 20.69
CA ASP B 302 21.32 -0.69 22.14
C ASP B 302 21.58 0.75 22.59
N ALA B 303 20.56 1.38 23.17
CA ALA B 303 20.65 2.78 23.53
C ALA B 303 21.79 3.06 24.49
N LEU B 304 22.20 2.08 25.30
CA LEU B 304 23.27 2.28 26.25
C LEU B 304 24.64 1.96 25.65
N LYS B 305 24.82 0.74 25.15
CA LYS B 305 26.11 0.31 24.61
C LYS B 305 26.30 0.71 23.15
N ALA B 306 25.24 1.21 22.49
CA ALA B 306 25.33 1.66 21.10
C ALA B 306 25.81 0.53 20.19
N ASP B 307 25.07 -0.58 20.23
CA ASP B 307 25.37 -1.75 19.42
C ASP B 307 24.09 -2.27 18.80
N ARG B 308 24.22 -2.94 17.66
CA ARG B 308 23.07 -3.50 16.96
C ARG B 308 22.59 -4.76 17.67
N ALA B 309 21.47 -4.65 18.38
CA ALA B 309 20.89 -5.79 19.08
C ALA B 309 20.01 -6.65 18.19
N GLY B 310 19.71 -6.21 16.98
CA GLY B 310 18.88 -6.99 16.08
C GLY B 310 18.70 -6.27 14.77
N VAL B 311 18.09 -6.98 13.82
CA VAL B 311 17.84 -6.44 12.48
C VAL B 311 16.50 -6.96 12.00
N LEU B 312 15.66 -6.07 11.50
CA LEU B 312 14.36 -6.42 10.91
C LEU B 312 14.41 -6.03 9.43
N ALA B 313 14.58 -7.02 8.57
CA ALA B 313 14.60 -6.72 7.14
C ALA B 313 13.19 -6.50 6.63
N GLY B 314 12.39 -7.57 6.60
CA GLY B 314 10.94 -7.43 6.54
C GLY B 314 10.34 -6.90 5.26
N HIS B 315 11.11 -6.15 4.47
CA HIS B 315 10.54 -5.35 3.40
C HIS B 315 11.42 -5.42 2.15
N ASP B 316 10.81 -5.16 1.00
CA ASP B 316 11.50 -5.11 -0.29
C ASP B 316 11.81 -3.69 -0.73
N ASN B 317 11.53 -2.69 0.10
CA ASN B 317 11.77 -1.30 -0.27
C ASN B 317 12.08 -0.52 1.00
N ARG B 318 12.36 0.77 0.82
CA ARG B 318 12.78 1.64 1.91
C ARG B 318 11.77 1.62 3.06
N VAL B 319 12.29 1.49 4.27
CA VAL B 319 11.47 1.61 5.47
C VAL B 319 11.09 3.07 5.63
N SER B 320 9.79 3.37 5.56
CA SER B 320 9.33 4.75 5.55
C SER B 320 8.79 5.21 6.89
N CYS B 321 8.40 4.28 7.77
CA CYS B 321 7.80 4.65 9.05
C CYS B 321 7.86 3.45 9.99
N LEU B 322 7.85 3.75 11.28
CA LEU B 322 7.78 2.71 12.30
C LEU B 322 7.45 3.37 13.63
N GLY B 323 7.05 2.53 14.60
CA GLY B 323 6.72 3.00 15.92
C GLY B 323 6.53 1.86 16.91
N VAL B 324 6.65 2.17 18.20
CA VAL B 324 6.49 1.19 19.26
C VAL B 324 5.20 1.48 20.01
N THR B 325 4.57 0.43 20.51
CA THR B 325 3.33 0.59 21.25
C THR B 325 3.57 1.28 22.58
N ASP B 326 2.51 1.86 23.14
CA ASP B 326 2.60 2.47 24.46
C ASP B 326 2.98 1.42 25.50
N ASP B 327 2.46 0.20 25.37
CA ASP B 327 2.85 -0.90 26.25
C ASP B 327 4.24 -1.43 25.93
N GLY B 328 4.83 -1.05 24.79
CA GLY B 328 6.15 -1.52 24.43
C GLY B 328 6.22 -2.97 24.05
N MET B 329 5.11 -3.58 23.65
CA MET B 329 5.07 -5.00 23.37
C MET B 329 5.40 -5.33 21.92
N ALA B 330 4.97 -4.49 20.98
CA ALA B 330 5.19 -4.74 19.56
C ALA B 330 5.64 -3.46 18.88
N VAL B 331 6.38 -3.63 17.78
CA VAL B 331 6.86 -2.52 16.97
C VAL B 331 6.34 -2.72 15.55
N ALA B 332 5.70 -1.69 15.02
CA ALA B 332 5.23 -1.70 13.64
C ALA B 332 6.19 -0.91 12.76
N THR B 333 6.30 -1.32 11.50
CA THR B 333 7.15 -0.66 10.53
C THR B 333 6.49 -0.66 9.17
N GLY B 334 6.53 0.48 8.48
CA GLY B 334 6.02 0.58 7.13
C GLY B 334 7.14 0.85 6.15
N SER B 335 6.90 0.55 4.87
CA SER B 335 7.93 0.71 3.85
C SER B 335 7.28 1.03 2.52
N TRP B 336 8.08 1.62 1.63
CA TRP B 336 7.59 1.96 0.30
C TRP B 336 7.10 0.76 -0.49
N ASP B 337 7.32 -0.46 0.03
CA ASP B 337 6.75 -1.66 -0.59
C ASP B 337 5.24 -1.76 -0.40
N SER B 338 4.64 -0.83 0.34
CA SER B 338 3.20 -0.78 0.56
C SER B 338 2.71 -1.79 1.59
N PHE B 339 3.59 -2.31 2.43
CA PHE B 339 3.22 -3.24 3.49
C PHE B 339 3.69 -2.72 4.84
N LEU B 340 2.89 -2.97 5.86
CA LEU B 340 3.26 -2.74 7.25
C LEU B 340 3.32 -4.06 7.98
N LYS B 341 4.46 -4.34 8.61
CA LYS B 341 4.68 -5.58 9.34
C LYS B 341 4.91 -5.26 10.81
N ILE B 342 4.19 -5.97 11.68
CA ILE B 342 4.25 -5.76 13.12
C ILE B 342 5.11 -6.87 13.72
N TRP B 343 6.08 -6.49 14.53
CA TRP B 343 7.08 -7.41 15.07
C TRP B 343 6.96 -7.47 16.59
N ASN B 344 7.36 -8.60 17.15
CA ASN B 344 7.33 -8.80 18.59
C ASN B 344 8.46 -9.71 19.04
N VAL C 1 -27.64 11.12 13.71
CA VAL C 1 -28.09 9.70 13.66
C VAL C 1 -29.58 9.62 13.97
N GLN C 2 -30.30 8.81 13.19
CA GLN C 2 -31.73 8.62 13.40
C GLN C 2 -32.18 7.41 12.61
N LEU C 3 -32.95 6.53 13.26
CA LEU C 3 -33.52 5.35 12.63
C LEU C 3 -35.03 5.39 12.79
N VAL C 4 -35.75 5.33 11.68
CA VAL C 4 -37.21 5.36 11.67
C VAL C 4 -37.70 4.06 11.03
N GLU C 5 -38.54 3.34 11.75
CA GLU C 5 -39.09 2.07 11.26
C GLU C 5 -40.46 2.29 10.64
N SER C 6 -40.85 1.37 9.77
CA SER C 6 -42.13 1.46 9.08
C SER C 6 -42.62 0.06 8.76
N GLY C 7 -43.92 -0.03 8.45
CA GLY C 7 -44.55 -1.28 8.12
C GLY C 7 -45.35 -1.91 9.24
N GLY C 8 -45.44 -1.26 10.39
CA GLY C 8 -46.22 -1.81 11.49
C GLY C 8 -47.71 -1.76 11.21
N GLY C 9 -48.43 -2.66 11.87
CA GLY C 9 -49.87 -2.73 11.70
C GLY C 9 -50.41 -4.04 12.21
N LEU C 10 -51.68 -4.26 11.91
CA LEU C 10 -52.37 -5.49 12.29
C LEU C 10 -52.41 -6.43 11.10
N VAL C 11 -51.86 -7.63 11.28
CA VAL C 11 -51.78 -8.64 10.23
C VAL C 11 -52.38 -9.94 10.77
N GLN C 12 -53.28 -10.54 9.99
CA GLN C 12 -53.90 -11.79 10.41
C GLN C 12 -52.88 -12.93 10.35
N PRO C 13 -53.14 -14.02 11.07
CA PRO C 13 -52.20 -15.15 11.04
C PRO C 13 -52.01 -15.68 9.63
N GLY C 14 -50.77 -16.06 9.32
CA GLY C 14 -50.43 -16.60 8.03
C GLY C 14 -50.11 -15.57 6.96
N GLY C 15 -50.26 -14.28 7.26
CA GLY C 15 -49.97 -13.25 6.29
C GLY C 15 -48.48 -12.95 6.21
N SER C 16 -48.14 -12.08 5.25
CA SER C 16 -46.77 -11.65 5.02
C SER C 16 -46.72 -10.13 5.06
N ARG C 17 -45.82 -9.59 5.88
CA ARG C 17 -45.63 -8.16 6.00
C ARG C 17 -44.14 -7.86 6.03
N LYS C 18 -43.75 -6.75 5.38
CA LYS C 18 -42.36 -6.33 5.32
C LYS C 18 -42.18 -5.06 6.14
N LEU C 19 -41.19 -5.08 7.03
CA LEU C 19 -40.86 -3.94 7.87
C LEU C 19 -39.64 -3.23 7.29
N SER C 20 -39.79 -1.95 7.01
CA SER C 20 -38.72 -1.14 6.42
C SER C 20 -38.28 -0.07 7.39
N CYS C 21 -36.96 0.06 7.57
CA CYS C 21 -36.37 1.08 8.42
C CYS C 21 -35.51 2.00 7.58
N SER C 22 -35.68 3.31 7.77
CA SER C 22 -34.95 4.31 7.01
C SER C 22 -33.79 4.83 7.85
N ALA C 23 -32.60 4.84 7.26
CA ALA C 23 -31.39 5.31 7.94
C ALA C 23 -31.04 6.70 7.41
N SER C 24 -30.92 7.66 8.33
CA SER C 24 -30.58 9.03 7.97
C SER C 24 -29.59 9.58 8.98
N GLY C 25 -28.61 10.34 8.49
CA GLY C 25 -27.65 10.97 9.35
C GLY C 25 -26.44 10.14 9.71
N PHE C 26 -26.32 8.92 9.17
CA PHE C 26 -25.16 8.09 9.44
C PHE C 26 -24.92 7.16 8.26
N ALA C 27 -23.71 6.63 8.19
CA ALA C 27 -23.33 5.72 7.11
C ALA C 27 -23.98 4.36 7.30
N PHE C 28 -25.08 4.11 6.60
CA PHE C 28 -25.80 2.85 6.75
C PHE C 28 -24.94 1.67 6.32
N SER C 29 -24.18 1.83 5.24
CA SER C 29 -23.38 0.73 4.72
C SER C 29 -22.36 0.25 5.74
N SER C 30 -21.71 1.18 6.44
CA SER C 30 -20.67 0.81 7.39
C SER C 30 -21.23 -0.04 8.53
N PHE C 31 -22.40 0.34 9.06
CA PHE C 31 -22.96 -0.33 10.21
C PHE C 31 -23.72 -1.59 9.82
N GLY C 32 -23.54 -2.64 10.62
CA GLY C 32 -24.45 -3.77 10.56
C GLY C 32 -25.77 -3.44 11.23
N MET C 33 -26.76 -4.27 10.96
CA MET C 33 -28.12 -4.04 11.45
C MET C 33 -28.64 -5.25 12.20
N HIS C 34 -29.40 -4.99 13.25
CA HIS C 34 -30.01 -6.04 14.07
C HIS C 34 -31.49 -5.74 14.25
N TRP C 35 -32.26 -6.78 14.52
CA TRP C 35 -33.68 -6.66 14.83
C TRP C 35 -33.93 -7.34 16.17
N VAL C 36 -34.46 -6.58 17.13
CA VAL C 36 -34.78 -7.08 18.46
C VAL C 36 -36.25 -6.80 18.70
N ARG C 37 -37.01 -7.85 19.01
CA ARG C 37 -38.43 -7.72 19.28
C ARG C 37 -38.67 -7.51 20.77
N GLN C 38 -39.88 -7.05 21.09
CA GLN C 38 -40.29 -6.87 22.48
C GLN C 38 -41.79 -7.09 22.56
N ALA C 39 -42.19 -8.29 22.95
CA ALA C 39 -43.61 -8.59 23.07
C ALA C 39 -44.21 -7.73 24.17
N PRO C 40 -45.49 -7.37 24.07
CA PRO C 40 -46.09 -6.49 25.09
C PRO C 40 -45.99 -7.11 26.48
N GLU C 41 -45.63 -6.29 27.46
CA GLU C 41 -45.43 -6.74 28.84
C GLU C 41 -44.51 -7.96 28.88
N LYS C 42 -43.42 -7.89 28.10
CA LYS C 42 -42.46 -8.98 28.02
C LYS C 42 -41.07 -8.39 27.76
N GLY C 43 -40.08 -9.27 27.74
CA GLY C 43 -38.70 -8.85 27.55
C GLY C 43 -38.31 -8.78 26.08
N LEU C 44 -37.02 -8.57 25.87
CA LEU C 44 -36.45 -8.45 24.53
C LEU C 44 -36.03 -9.81 24.01
N GLU C 45 -35.91 -9.90 22.68
CA GLU C 45 -35.44 -11.12 22.02
C GLU C 45 -34.84 -10.75 20.68
N TRP C 46 -33.63 -11.23 20.42
CA TRP C 46 -32.98 -10.99 19.14
C TRP C 46 -33.74 -11.72 18.03
N VAL C 47 -33.86 -11.06 16.87
CA VAL C 47 -34.65 -11.59 15.77
C VAL C 47 -33.73 -12.07 14.65
N ALA C 48 -32.97 -11.14 14.07
CA ALA C 48 -32.11 -11.47 12.94
C ALA C 48 -31.00 -10.44 12.83
N TYR C 49 -29.96 -10.80 12.08
CA TYR C 49 -28.80 -9.94 11.86
C TYR C 49 -28.42 -9.96 10.39
N ILE C 50 -27.99 -8.80 9.89
CA ILE C 50 -27.41 -8.67 8.56
C ILE C 50 -26.17 -7.79 8.67
N SER C 51 -25.05 -8.27 8.13
CA SER C 51 -23.81 -7.52 8.16
C SER C 51 -23.70 -6.61 6.95
N SER C 52 -22.70 -5.71 7.00
CA SER C 52 -22.44 -4.83 5.88
C SER C 52 -22.09 -5.64 4.63
N GLY C 53 -22.71 -5.31 3.51
CA GLY C 53 -22.48 -6.00 2.27
C GLY C 53 -23.24 -7.31 2.11
N SER C 54 -24.07 -7.69 3.08
CA SER C 54 -24.87 -8.90 3.06
C SER C 54 -24.02 -10.17 3.07
N GLY C 55 -22.73 -10.06 3.41
CA GLY C 55 -21.88 -11.24 3.43
C GLY C 55 -22.31 -12.25 4.48
N THR C 56 -22.68 -11.76 5.66
CA THR C 56 -23.05 -12.60 6.79
C THR C 56 -24.49 -12.28 7.19
N ILE C 57 -25.33 -13.31 7.24
CA ILE C 57 -26.73 -13.18 7.64
C ILE C 57 -27.06 -14.31 8.61
N TYR C 58 -27.68 -13.96 9.74
CA TYR C 58 -28.04 -14.93 10.77
C TYR C 58 -29.48 -14.67 11.21
N TYR C 59 -30.14 -15.73 11.67
CA TYR C 59 -31.50 -15.65 12.16
C TYR C 59 -31.63 -16.48 13.43
N ALA C 60 -32.57 -16.09 14.28
CA ALA C 60 -32.86 -16.88 15.48
C ALA C 60 -33.58 -18.17 15.10
N ASP C 61 -33.45 -19.18 15.96
CA ASP C 61 -34.02 -20.49 15.66
C ASP C 61 -35.53 -20.41 15.46
N THR C 62 -36.21 -19.63 16.30
CA THR C 62 -37.67 -19.52 16.23
C THR C 62 -38.13 -18.69 15.04
N VAL C 63 -37.24 -18.01 14.33
CA VAL C 63 -37.63 -17.14 13.22
C VAL C 63 -36.87 -17.53 11.96
N LYS C 64 -35.87 -18.39 12.09
CA LYS C 64 -35.06 -18.76 10.94
C LYS C 64 -35.93 -19.38 9.85
N GLY C 65 -35.68 -18.97 8.61
CA GLY C 65 -36.44 -19.47 7.47
C GLY C 65 -37.63 -18.61 7.13
N ARG C 66 -38.55 -18.45 8.09
CA ARG C 66 -39.75 -17.66 7.83
C ARG C 66 -39.42 -16.20 7.55
N PHE C 67 -38.49 -15.64 8.32
CA PHE C 67 -38.12 -14.23 8.21
C PHE C 67 -36.76 -14.11 7.53
N THR C 68 -36.68 -13.25 6.53
CA THR C 68 -35.43 -12.96 5.82
C THR C 68 -35.15 -11.47 5.87
N ILE C 69 -33.86 -11.14 5.96
CA ILE C 69 -33.41 -9.76 6.13
C ILE C 69 -32.54 -9.39 4.93
N SER C 70 -32.81 -8.23 4.34
CA SER C 70 -32.05 -7.72 3.22
C SER C 70 -31.74 -6.25 3.45
N ARG C 71 -30.62 -5.79 2.88
CA ARG C 71 -30.16 -4.42 3.03
C ARG C 71 -30.05 -3.76 1.65
N ASP C 72 -30.25 -2.44 1.63
CA ASP C 72 -30.16 -1.64 0.40
C ASP C 72 -29.21 -0.48 0.69
N ASP C 73 -27.91 -0.72 0.49
CA ASP C 73 -26.92 0.31 0.78
C ASP C 73 -27.13 1.58 -0.02
N PRO C 74 -27.38 1.53 -1.33
CA PRO C 74 -27.56 2.79 -2.08
C PRO C 74 -28.67 3.67 -1.53
N LYS C 75 -29.78 3.08 -1.09
CA LYS C 75 -30.91 3.84 -0.58
C LYS C 75 -30.86 4.05 0.93
N ASN C 76 -29.90 3.44 1.62
CA ASN C 76 -29.76 3.59 3.07
C ASN C 76 -31.06 3.18 3.79
N THR C 77 -31.58 2.02 3.42
CA THR C 77 -32.79 1.48 4.03
C THR C 77 -32.58 0.00 4.33
N LEU C 78 -33.31 -0.50 5.33
CA LEU C 78 -33.23 -1.88 5.76
C LEU C 78 -34.60 -2.52 5.65
N PHE C 79 -34.64 -3.76 5.19
CA PHE C 79 -35.88 -4.52 5.04
C PHE C 79 -35.77 -5.84 5.78
N LEU C 80 -36.88 -6.27 6.39
CA LEU C 80 -36.96 -7.56 7.07
C LEU C 80 -38.26 -8.23 6.61
N GLN C 81 -38.16 -9.06 5.57
CA GLN C 81 -39.33 -9.78 5.08
C GLN C 81 -39.81 -10.78 6.12
N MET C 82 -41.13 -10.83 6.31
CA MET C 82 -41.75 -11.73 7.28
C MET C 82 -42.85 -12.51 6.58
N THR C 83 -42.87 -13.83 6.77
CA THR C 83 -43.85 -14.70 6.17
C THR C 83 -44.42 -15.65 7.22
N SER C 84 -45.70 -15.99 7.05
CA SER C 84 -46.39 -16.92 7.94
C SER C 84 -46.31 -16.43 9.39
N LEU C 85 -46.88 -15.25 9.62
CA LEU C 85 -46.89 -14.69 10.96
C LEU C 85 -47.72 -15.55 11.91
N ARG C 86 -47.21 -15.75 13.11
CA ARG C 86 -47.86 -16.55 14.14
C ARG C 86 -48.20 -15.67 15.33
N SER C 87 -49.08 -16.18 16.20
CA SER C 87 -49.50 -15.43 17.37
C SER C 87 -48.29 -15.00 18.21
N GLU C 88 -47.26 -15.85 18.27
CA GLU C 88 -46.05 -15.49 19.02
C GLU C 88 -45.31 -14.33 18.38
N ASP C 89 -45.56 -14.03 17.11
CA ASP C 89 -44.85 -12.97 16.41
C ASP C 89 -45.37 -11.58 16.75
N THR C 90 -46.43 -11.47 17.55
CA THR C 90 -46.99 -10.15 17.87
C THR C 90 -46.08 -9.42 18.85
N ALA C 91 -45.19 -8.59 18.31
CA ALA C 91 -44.25 -7.83 19.14
C ALA C 91 -43.76 -6.63 18.34
N MET C 92 -43.23 -5.65 19.05
CA MET C 92 -42.66 -4.46 18.42
C MET C 92 -41.17 -4.67 18.19
N TYR C 93 -40.73 -4.51 16.94
CA TYR C 93 -39.36 -4.77 16.56
C TYR C 93 -38.56 -3.47 16.56
N TYR C 94 -37.38 -3.50 17.19
CA TYR C 94 -36.50 -2.35 17.29
C TYR C 94 -35.25 -2.62 16.45
N CYS C 95 -34.97 -1.71 15.52
CA CYS C 95 -33.78 -1.83 14.68
C CYS C 95 -32.58 -1.24 15.40
N VAL C 96 -31.44 -1.93 15.34
CA VAL C 96 -30.23 -1.53 16.05
C VAL C 96 -29.07 -1.55 15.08
N ARG C 97 -28.17 -0.59 15.22
CA ARG C 97 -26.99 -0.46 14.38
C ARG C 97 -25.74 -0.71 15.21
N SER C 98 -24.81 -1.47 14.66
CA SER C 98 -23.56 -1.80 15.34
C SER C 98 -22.40 -1.77 14.35
N ILE C 99 -21.23 -1.39 14.85
CA ILE C 99 -20.00 -1.41 14.08
C ILE C 99 -18.95 -2.17 14.88
N TYR C 100 -18.26 -3.09 14.23
CA TYR C 100 -17.40 -4.05 14.92
C TYR C 100 -15.94 -3.75 14.60
N TYR C 101 -15.21 -3.25 15.59
CA TYR C 101 -13.77 -3.07 15.54
C TYR C 101 -13.33 -2.70 16.94
N TYR C 102 -12.05 -2.91 17.24
CA TYR C 102 -11.55 -2.68 18.58
C TYR C 102 -11.81 -1.23 18.98
N GLY C 103 -12.34 -1.04 20.19
CA GLY C 103 -12.72 0.27 20.67
C GLY C 103 -14.09 0.72 20.23
N SER C 104 -14.79 -0.07 19.43
CA SER C 104 -16.12 0.31 18.97
C SER C 104 -17.16 0.09 20.07
N SER C 105 -18.37 0.55 19.79
CA SER C 105 -19.50 0.45 20.73
C SER C 105 -20.68 -0.17 19.99
N PRO C 106 -20.71 -1.49 19.83
CA PRO C 106 -21.86 -2.13 19.17
C PRO C 106 -23.15 -1.85 19.92
N PHE C 107 -24.24 -1.77 19.17
CA PHE C 107 -25.57 -1.50 19.72
C PHE C 107 -25.62 -0.14 20.42
N ASP C 108 -24.89 0.83 19.88
CA ASP C 108 -24.84 2.15 20.51
C ASP C 108 -26.07 3.00 20.23
N PHE C 109 -26.83 2.68 19.19
CA PHE C 109 -28.01 3.46 18.82
C PHE C 109 -29.17 2.52 18.55
N TRP C 110 -30.35 2.88 19.07
CA TRP C 110 -31.56 2.09 18.90
C TRP C 110 -32.67 2.99 18.34
N GLY C 111 -33.44 2.45 17.40
CA GLY C 111 -34.55 3.17 16.81
C GLY C 111 -35.81 3.07 17.66
N GLN C 112 -36.82 3.82 17.21
CA GLN C 112 -38.10 3.80 17.91
C GLN C 112 -38.82 2.47 17.73
N GLY C 113 -38.54 1.75 16.64
CA GLY C 113 -39.17 0.48 16.38
C GLY C 113 -40.53 0.63 15.71
N THR C 114 -41.07 -0.51 15.29
CA THR C 114 -42.36 -0.58 14.62
C THR C 114 -43.24 -1.58 15.36
N THR C 115 -44.46 -1.18 15.70
CA THR C 115 -45.38 -2.05 16.42
C THR C 115 -46.05 -3.01 15.44
N LEU C 116 -46.05 -4.30 15.77
CA LEU C 116 -46.71 -5.32 14.97
C LEU C 116 -47.65 -6.11 15.87
N THR C 117 -48.91 -6.21 15.46
CA THR C 117 -49.96 -6.90 16.23
C THR C 117 -50.46 -8.07 15.39
N VAL C 118 -49.89 -9.24 15.63
CA VAL C 118 -50.28 -10.46 14.93
C VAL C 118 -51.38 -11.15 15.74
N SER C 119 -52.49 -11.48 15.08
CA SER C 119 -53.60 -12.14 15.74
C SER C 119 -54.15 -11.27 16.87
N SER C 135 -30.85 -25.88 23.36
CA SER C 135 -30.15 -25.92 22.08
C SER C 135 -28.80 -25.24 22.14
N ALA C 136 -28.13 -25.36 23.29
CA ALA C 136 -26.81 -24.79 23.56
C ALA C 136 -26.83 -23.28 23.68
N ASP C 137 -27.99 -22.63 23.52
CA ASP C 137 -28.05 -21.18 23.63
C ASP C 137 -27.81 -20.75 25.06
N ILE C 138 -26.98 -19.71 25.25
CA ILE C 138 -26.74 -19.18 26.58
C ILE C 138 -27.98 -18.50 27.09
N VAL C 139 -28.38 -18.83 28.33
CA VAL C 139 -29.55 -18.25 28.96
C VAL C 139 -29.08 -17.18 29.95
N MET C 140 -29.61 -15.98 29.80
CA MET C 140 -29.28 -14.85 30.66
C MET C 140 -30.43 -14.61 31.63
N THR C 141 -30.12 -14.63 32.92
CA THR C 141 -31.11 -14.47 33.97
C THR C 141 -30.70 -13.30 34.87
N GLN C 142 -31.70 -12.53 35.30
CA GLN C 142 -31.49 -11.39 36.18
C GLN C 142 -32.05 -11.70 37.56
N ALA C 143 -31.37 -11.21 38.60
CA ALA C 143 -31.71 -11.62 39.96
C ALA C 143 -33.12 -11.23 40.33
N THR C 144 -33.56 -10.02 40.00
CA THR C 144 -34.86 -9.52 40.41
C THR C 144 -35.56 -8.90 39.21
N SER C 145 -36.86 -9.19 39.06
CA SER C 145 -37.64 -8.60 37.99
C SER C 145 -37.96 -7.14 38.27
N SER C 146 -38.16 -6.78 39.53
CA SER C 146 -38.47 -5.40 39.90
C SER C 146 -37.79 -5.08 41.22
N VAL C 147 -37.45 -3.81 41.41
CA VAL C 147 -36.79 -3.35 42.62
C VAL C 147 -37.27 -1.95 42.97
N PRO C 148 -37.88 -1.73 44.14
CA PRO C 148 -38.23 -0.36 44.54
C PRO C 148 -36.99 0.42 44.96
N VAL C 149 -36.87 1.66 44.49
CA VAL C 149 -35.70 2.48 44.74
C VAL C 149 -36.14 3.91 45.04
N THR C 150 -35.20 4.70 45.55
CA THR C 150 -35.42 6.11 45.85
C THR C 150 -34.28 6.93 45.26
N PRO C 151 -34.54 8.18 44.91
CA PRO C 151 -33.49 9.00 44.30
C PRO C 151 -32.35 9.31 45.26
N GLY C 152 -31.15 9.40 44.71
CA GLY C 152 -29.96 9.76 45.48
C GLY C 152 -29.25 8.59 46.13
N GLU C 153 -29.90 7.43 46.24
CA GLU C 153 -29.28 6.28 46.87
C GLU C 153 -28.73 5.32 45.81
N SER C 154 -27.68 4.60 46.18
CA SER C 154 -27.06 3.64 45.28
C SER C 154 -28.02 2.50 44.99
N VAL C 155 -28.00 2.02 43.75
CA VAL C 155 -28.86 0.93 43.30
C VAL C 155 -27.99 -0.08 42.56
N SER C 156 -28.27 -1.36 42.79
CA SER C 156 -27.51 -2.45 42.20
C SER C 156 -28.46 -3.41 41.49
N ILE C 157 -28.06 -3.83 40.28
CA ILE C 157 -28.78 -4.82 39.50
C ILE C 157 -27.81 -5.91 39.11
N SER C 158 -28.19 -7.16 39.31
CA SER C 158 -27.31 -8.30 39.08
C SER C 158 -27.95 -9.28 38.11
N CYS C 159 -27.11 -9.97 37.34
CA CYS C 159 -27.55 -10.97 36.40
C CYS C 159 -26.50 -12.07 36.31
N ARG C 160 -26.92 -13.24 35.81
CA ARG C 160 -26.05 -14.41 35.73
C ARG C 160 -26.17 -15.03 34.34
N SER C 161 -25.11 -15.70 33.91
CA SER C 161 -25.06 -16.37 32.62
C SER C 161 -24.71 -17.83 32.83
N SER C 162 -25.35 -18.70 32.04
CA SER C 162 -25.13 -20.14 32.13
C SER C 162 -23.79 -20.57 31.55
N LYS C 163 -23.09 -19.69 30.84
CA LYS C 163 -21.80 -20.02 30.26
C LYS C 163 -20.87 -18.82 30.42
N SER C 164 -19.58 -19.11 30.56
CA SER C 164 -18.60 -18.04 30.72
C SER C 164 -18.56 -17.16 29.48
N LEU C 165 -18.82 -15.87 29.68
CA LEU C 165 -18.80 -14.92 28.57
C LEU C 165 -17.39 -14.40 28.26
N LEU C 166 -16.41 -14.72 29.10
CA LEU C 166 -15.03 -14.29 28.87
C LEU C 166 -14.45 -15.11 27.73
N HIS C 167 -14.37 -14.51 26.55
CA HIS C 167 -13.83 -15.20 25.38
C HIS C 167 -12.32 -15.39 25.54
N SER C 168 -11.78 -16.31 24.75
CA SER C 168 -10.35 -16.62 24.83
C SER C 168 -9.50 -15.38 24.56
N ASN C 169 -10.02 -14.43 23.77
CA ASN C 169 -9.28 -13.22 23.46
C ASN C 169 -9.11 -12.29 24.67
N GLY C 170 -9.83 -12.54 25.76
CA GLY C 170 -9.71 -11.73 26.95
C GLY C 170 -10.76 -10.65 27.10
N ASN C 171 -11.81 -10.66 26.28
CA ASN C 171 -12.87 -9.66 26.34
C ASN C 171 -14.15 -10.33 26.80
N THR C 172 -14.77 -9.77 27.84
CA THR C 172 -16.03 -10.29 28.37
C THR C 172 -17.18 -9.60 27.63
N TYR C 173 -17.85 -10.36 26.76
CA TYR C 173 -18.93 -9.82 25.93
C TYR C 173 -20.24 -9.76 26.71
N LEU C 174 -20.31 -8.80 27.62
CA LEU C 174 -21.52 -8.52 28.40
C LEU C 174 -22.07 -7.16 27.98
N TYR C 175 -23.37 -7.11 27.72
CA TYR C 175 -24.04 -5.89 27.30
C TYR C 175 -25.17 -5.54 28.28
N TRP C 176 -25.18 -4.29 28.72
CA TRP C 176 -26.23 -3.75 29.58
C TRP C 176 -27.00 -2.67 28.84
N PHE C 177 -28.32 -2.70 28.98
CA PHE C 177 -29.20 -1.74 28.31
C PHE C 177 -30.20 -1.18 29.31
N LEU C 178 -30.61 0.06 29.07
CA LEU C 178 -31.65 0.72 29.86
C LEU C 178 -32.75 1.20 28.91
N GLN C 179 -33.97 0.77 29.16
CA GLN C 179 -35.13 1.16 28.37
C GLN C 179 -36.09 1.91 29.29
N ARG C 180 -36.07 3.23 29.22
CA ARG C 180 -36.96 4.04 30.04
C ARG C 180 -38.40 3.90 29.56
N PRO C 181 -39.38 4.17 30.42
CA PRO C 181 -40.78 4.05 30.00
C PRO C 181 -41.05 4.91 28.78
N GLY C 182 -41.75 4.33 27.81
CA GLY C 182 -42.07 5.05 26.58
C GLY C 182 -40.84 5.48 25.81
N GLN C 183 -39.79 4.66 25.83
CA GLN C 183 -38.55 4.97 25.12
C GLN C 183 -37.87 3.67 24.71
N SER C 184 -36.99 3.79 23.73
CA SER C 184 -36.21 2.65 23.25
C SER C 184 -35.01 2.41 24.16
N PRO C 185 -34.45 1.20 24.13
CA PRO C 185 -33.29 0.91 25.00
C PRO C 185 -32.11 1.80 24.66
N GLN C 186 -31.34 2.15 25.69
CA GLN C 186 -30.12 2.91 25.55
C GLN C 186 -28.95 2.10 26.11
N LEU C 187 -27.90 1.96 25.31
CA LEU C 187 -26.74 1.17 25.73
C LEU C 187 -26.05 1.85 26.92
N LEU C 188 -25.68 1.05 27.91
CA LEU C 188 -24.92 1.51 29.07
C LEU C 188 -23.52 0.91 29.11
N ILE C 189 -23.43 -0.41 29.11
CA ILE C 189 -22.16 -1.13 29.13
C ILE C 189 -22.19 -2.15 28.01
N TYR C 190 -21.10 -2.25 27.25
CA TYR C 190 -21.03 -3.17 26.12
C TYR C 190 -20.02 -4.29 26.27
N ARG C 191 -18.99 -4.13 27.11
CA ARG C 191 -18.04 -5.20 27.37
C ARG C 191 -17.70 -5.26 28.85
N MET C 192 -18.70 -5.02 29.70
CA MET C 192 -18.61 -5.26 31.13
C MET C 192 -17.70 -4.29 31.86
N SER C 193 -16.99 -3.44 31.14
CA SER C 193 -16.04 -2.53 31.79
C SER C 193 -16.09 -1.12 31.22
N ASN C 194 -16.74 -0.94 30.07
CA ASN C 194 -16.70 0.31 29.33
C ASN C 194 -18.09 0.94 29.31
N LEU C 195 -18.15 2.22 29.67
CA LEU C 195 -19.41 2.96 29.63
C LEU C 195 -19.72 3.39 28.21
N ALA C 196 -21.00 3.32 27.85
CA ALA C 196 -21.43 3.71 26.53
C ALA C 196 -21.34 5.22 26.35
N SER C 197 -21.14 5.65 25.10
CA SER C 197 -21.03 7.07 24.80
C SER C 197 -22.34 7.78 25.12
N GLY C 198 -22.22 9.02 25.59
CA GLY C 198 -23.40 9.80 25.91
C GLY C 198 -24.22 9.22 27.04
N VAL C 199 -23.57 8.75 28.09
CA VAL C 199 -24.25 8.18 29.24
C VAL C 199 -23.64 8.77 30.51
N PRO C 200 -24.41 8.99 31.58
CA PRO C 200 -23.81 9.51 32.81
C PRO C 200 -22.74 8.58 33.35
N ASP C 201 -21.71 9.18 33.96
CA ASP C 201 -20.63 8.39 34.54
C ASP C 201 -21.07 7.61 35.77
N ARG C 202 -22.27 7.89 36.30
CA ARG C 202 -22.73 7.20 37.49
C ARG C 202 -22.80 5.70 37.27
N PHE C 203 -23.31 5.27 36.11
CA PHE C 203 -23.39 3.85 35.82
C PHE C 203 -22.00 3.23 35.79
N SER C 204 -21.88 2.04 36.39
CA SER C 204 -20.62 1.32 36.43
C SER C 204 -20.88 -0.16 36.17
N GLY C 205 -19.90 -0.83 35.57
CA GLY C 205 -20.04 -2.24 35.26
C GLY C 205 -18.92 -3.08 35.83
N SER C 206 -19.27 -4.19 36.47
CA SER C 206 -18.29 -5.10 37.05
C SER C 206 -18.91 -6.48 37.17
N GLY C 207 -18.05 -7.49 37.26
CA GLY C 207 -18.51 -8.85 37.41
C GLY C 207 -17.40 -9.85 37.16
N SER C 208 -17.71 -11.10 37.51
CA SER C 208 -16.80 -12.21 37.28
C SER C 208 -17.02 -12.80 35.89
N GLY C 209 -16.42 -13.96 35.62
CA GLY C 209 -16.58 -14.59 34.31
C GLY C 209 -17.99 -15.04 34.01
N THR C 210 -18.81 -15.24 35.05
CA THR C 210 -20.20 -15.64 34.86
C THR C 210 -21.20 -14.81 35.64
N ALA C 211 -20.81 -14.12 36.70
CA ALA C 211 -21.70 -13.27 37.48
C ALA C 211 -21.38 -11.81 37.20
N PHE C 212 -22.40 -11.02 36.90
CA PHE C 212 -22.22 -9.62 36.56
C PHE C 212 -23.23 -8.78 37.31
N THR C 213 -22.87 -7.52 37.56
CA THR C 213 -23.72 -6.60 38.31
C THR C 213 -23.64 -5.22 37.68
N LEU C 214 -24.79 -4.59 37.51
CA LEU C 214 -24.86 -3.20 37.07
C LEU C 214 -25.30 -2.35 38.26
N THR C 215 -24.44 -1.41 38.67
CA THR C 215 -24.68 -0.60 39.85
C THR C 215 -24.70 0.87 39.48
N ILE C 216 -25.52 1.63 40.19
CA ILE C 216 -25.64 3.08 40.01
C ILE C 216 -25.13 3.72 41.29
N SER C 217 -24.12 4.59 41.16
CA SER C 217 -23.55 5.24 42.33
C SER C 217 -24.58 6.10 43.06
N ARG C 218 -25.39 6.84 42.33
CA ARG C 218 -26.45 7.66 42.91
C ARG C 218 -27.60 7.73 41.93
N LEU C 219 -28.76 7.23 42.36
CA LEU C 219 -29.92 7.16 41.48
C LEU C 219 -30.45 8.55 41.14
N GLU C 220 -30.97 8.69 39.94
CA GLU C 220 -31.61 9.92 39.48
C GLU C 220 -32.98 9.59 38.90
N ALA C 221 -33.80 10.64 38.74
CA ALA C 221 -35.17 10.43 38.28
C ALA C 221 -35.22 9.79 36.90
N GLU C 222 -34.20 10.02 36.07
CA GLU C 222 -34.19 9.49 34.72
C GLU C 222 -33.69 8.05 34.64
N ASP C 223 -33.20 7.49 35.75
CA ASP C 223 -32.68 6.13 35.74
C ASP C 223 -33.77 5.07 35.86
N VAL C 224 -34.98 5.46 36.26
CA VAL C 224 -36.06 4.49 36.42
C VAL C 224 -36.41 3.88 35.07
N GLY C 225 -36.58 2.57 35.06
CA GLY C 225 -36.91 1.85 33.84
C GLY C 225 -36.60 0.38 34.00
N VAL C 226 -36.57 -0.31 32.87
CA VAL C 226 -36.29 -1.74 32.81
C VAL C 226 -34.89 -1.93 32.23
N TYR C 227 -33.99 -2.52 33.02
CA TYR C 227 -32.65 -2.80 32.58
C TYR C 227 -32.56 -4.21 32.02
N TYR C 228 -31.81 -4.37 30.94
CA TYR C 228 -31.67 -5.64 30.25
C TYR C 228 -30.20 -6.01 30.11
N CYS C 229 -29.94 -7.31 30.13
CA CYS C 229 -28.61 -7.86 29.98
C CYS C 229 -28.55 -8.73 28.73
N MET C 230 -27.37 -8.80 28.12
CA MET C 230 -27.19 -9.60 26.92
C MET C 230 -25.74 -10.02 26.81
N GLN C 231 -25.51 -11.16 26.18
CA GLN C 231 -24.18 -11.66 25.88
C GLN C 231 -23.96 -11.68 24.38
N HIS C 232 -22.73 -11.34 23.97
CA HIS C 232 -22.36 -11.31 22.56
C HIS C 232 -21.26 -12.32 22.28
N LEU C 233 -21.09 -13.29 23.19
CA LEU C 233 -20.12 -14.36 22.95
C LEU C 233 -20.50 -15.19 21.74
N GLU C 234 -21.79 -15.50 21.60
CA GLU C 234 -22.29 -16.26 20.46
C GLU C 234 -23.53 -15.57 19.91
N TYR C 235 -23.80 -15.78 18.63
CA TYR C 235 -24.86 -15.06 17.95
C TYR C 235 -26.26 -15.40 18.44
N PRO C 236 -26.53 -16.60 18.98
CA PRO C 236 -27.87 -16.81 19.56
C PRO C 236 -28.06 -15.96 20.81
N LEU C 237 -28.20 -14.66 20.60
CA LEU C 237 -28.32 -13.73 21.72
C LEU C 237 -29.57 -14.03 22.53
N THR C 238 -29.44 -13.92 23.86
CA THR C 238 -30.55 -14.15 24.78
C THR C 238 -30.70 -12.93 25.68
N PHE C 239 -31.93 -12.44 25.80
CA PHE C 239 -32.25 -11.30 26.66
C PHE C 239 -33.03 -11.78 27.87
N GLY C 240 -32.64 -11.30 29.05
CA GLY C 240 -33.32 -11.68 30.27
C GLY C 240 -34.67 -10.99 30.40
N ALA C 241 -35.41 -11.41 31.43
CA ALA C 241 -36.73 -10.85 31.69
C ALA C 241 -36.69 -9.36 32.02
N GLY C 242 -35.54 -8.84 32.44
CA GLY C 242 -35.41 -7.44 32.75
C GLY C 242 -35.57 -7.15 34.24
N THR C 243 -35.07 -5.98 34.65
CA THR C 243 -35.14 -5.51 36.02
C THR C 243 -35.80 -4.14 36.01
N LYS C 244 -37.02 -4.06 36.53
CA LYS C 244 -37.80 -2.84 36.48
C LYS C 244 -37.58 -2.03 37.75
N LEU C 245 -37.01 -0.84 37.61
CA LEU C 245 -36.81 0.05 38.75
C LEU C 245 -37.98 1.01 38.86
N GLU C 246 -38.54 1.10 40.08
CA GLU C 246 -39.65 2.01 40.37
C GLU C 246 -39.24 2.93 41.51
N LEU C 247 -39.45 4.23 41.33
CA LEU C 247 -39.06 5.22 42.32
C LEU C 247 -39.93 5.13 43.57
N ALA D 10 15.82 44.62 11.02
CA ALA D 10 17.04 43.89 10.57
C ALA D 10 17.08 42.48 11.18
N GLN D 11 17.63 41.53 10.43
CA GLN D 11 17.72 40.16 10.93
C GLN D 11 18.65 40.05 12.12
N ALA D 12 19.56 41.01 12.29
CA ALA D 12 20.50 40.95 13.42
C ALA D 12 19.76 41.00 14.75
N ARG D 13 18.75 41.88 14.85
CA ARG D 13 17.98 41.99 16.09
C ARG D 13 17.30 40.67 16.42
N LYS D 14 16.67 40.04 15.42
CA LYS D 14 16.00 38.77 15.64
C LYS D 14 17.00 37.70 16.05
N LEU D 15 18.17 37.67 15.39
CA LEU D 15 19.17 36.67 15.72
C LEU D 15 19.67 36.83 17.15
N VAL D 16 19.94 38.06 17.58
CA VAL D 16 20.41 38.26 18.94
C VAL D 16 19.32 37.94 19.95
N GLU D 17 18.06 38.28 19.63
CA GLU D 17 16.96 37.94 20.51
C GLU D 17 16.86 36.43 20.68
N GLN D 18 16.98 35.68 19.59
CA GLN D 18 16.92 34.22 19.68
C GLN D 18 18.11 33.66 20.45
N LEU D 19 19.30 34.21 20.21
CA LEU D 19 20.50 33.72 20.90
C LEU D 19 20.53 34.14 22.37
N LYS D 20 19.68 35.09 22.78
CA LYS D 20 19.61 35.46 24.18
C LYS D 20 19.32 34.26 25.08
N MET D 21 18.83 33.16 24.52
CA MET D 21 18.58 31.94 25.30
C MET D 21 19.86 31.20 25.65
N GLU D 22 21.04 31.80 25.43
CA GLU D 22 22.30 31.10 25.64
C GLU D 22 22.43 30.59 27.08
N ALA D 23 22.06 31.40 28.07
CA ALA D 23 22.28 31.02 29.46
C ALA D 23 21.06 31.26 30.35
N ASN D 24 19.86 31.00 29.86
CA ASN D 24 18.64 31.16 30.67
C ASN D 24 18.18 29.86 31.32
N ILE D 25 18.92 28.76 31.15
CA ILE D 25 18.53 27.46 31.68
C ILE D 25 19.70 26.85 32.43
N ASP D 26 19.45 26.34 33.63
CA ASP D 26 20.45 25.58 34.35
C ASP D 26 20.69 24.26 33.64
N ARG D 27 21.96 23.84 33.59
CA ARG D 27 22.37 22.67 32.84
C ARG D 27 22.93 21.60 33.78
N ILE D 28 22.93 20.36 33.30
CA ILE D 28 23.43 19.22 34.06
C ILE D 28 24.47 18.50 33.20
N LYS D 29 25.50 17.99 33.85
CA LYS D 29 26.58 17.32 33.13
C LYS D 29 26.07 16.04 32.46
N VAL D 30 26.75 15.66 31.39
CA VAL D 30 26.32 14.50 30.60
C VAL D 30 26.35 13.23 31.43
N SER D 31 27.27 13.15 32.41
CA SER D 31 27.36 11.94 33.22
C SER D 31 26.06 11.68 33.98
N LYS D 32 25.50 12.73 34.58
CA LYS D 32 24.25 12.56 35.32
C LYS D 32 23.10 12.21 34.40
N ALA D 33 23.08 12.80 33.20
CA ALA D 33 22.05 12.46 32.23
C ALA D 33 22.13 11.00 31.83
N ALA D 34 23.34 10.50 31.59
CA ALA D 34 23.51 9.09 31.27
C ALA D 34 23.10 8.20 32.44
N ALA D 35 23.43 8.63 33.66
CA ALA D 35 23.00 7.87 34.84
C ALA D 35 21.48 7.80 34.91
N ASP D 36 20.79 8.92 34.67
CA ASP D 36 19.33 8.90 34.66
C ASP D 36 18.79 8.00 33.56
N LEU D 37 19.39 8.05 32.37
CA LEU D 37 18.93 7.20 31.28
C LEU D 37 19.06 5.73 31.63
N MET D 38 20.21 5.32 32.17
CA MET D 38 20.41 3.92 32.50
C MET D 38 19.51 3.51 33.66
N ALA D 39 19.31 4.40 34.63
CA ALA D 39 18.40 4.10 35.73
C ALA D 39 16.98 3.86 35.23
N TYR D 40 16.51 4.72 34.32
CA TYR D 40 15.18 4.52 33.76
C TYR D 40 15.11 3.22 32.97
N CYS D 41 16.15 2.92 32.19
CA CYS D 41 16.15 1.71 31.38
C CYS D 41 16.08 0.46 32.26
N GLU D 42 16.86 0.44 33.35
CA GLU D 42 16.87 -0.73 34.22
C GLU D 42 15.57 -0.82 35.03
N ALA D 43 15.00 0.33 35.41
CA ALA D 43 13.79 0.31 36.20
C ALA D 43 12.64 -0.35 35.45
N HIS D 44 12.51 -0.05 34.16
CA HIS D 44 11.43 -0.58 33.33
C HIS D 44 11.90 -1.72 32.43
N ALA D 45 12.95 -2.44 32.83
CA ALA D 45 13.46 -3.52 32.00
C ALA D 45 12.42 -4.62 31.80
N LYS D 46 11.72 -4.99 32.88
CA LYS D 46 10.74 -6.06 32.79
C LYS D 46 9.41 -5.59 32.22
N GLU D 47 9.18 -4.27 32.15
CA GLU D 47 7.95 -3.73 31.61
C GLU D 47 7.95 -3.60 30.10
N ASP D 48 9.05 -3.97 29.43
CA ASP D 48 9.18 -3.87 27.98
C ASP D 48 9.24 -5.28 27.40
N PRO D 49 8.14 -5.81 26.86
CA PRO D 49 8.20 -7.16 26.28
C PRO D 49 9.21 -7.28 25.16
N LEU D 50 9.43 -6.22 24.37
CA LEU D 50 10.41 -6.31 23.29
C LEU D 50 11.81 -6.55 23.84
N LEU D 51 12.12 -6.02 25.03
CA LEU D 51 13.40 -6.27 25.67
C LEU D 51 13.43 -7.63 26.35
N THR D 52 12.36 -7.97 27.08
CA THR D 52 12.22 -9.26 27.73
C THR D 52 11.11 -10.05 27.03
N PRO D 53 11.43 -11.08 26.23
CA PRO D 53 10.37 -11.81 25.52
C PRO D 53 9.24 -12.27 26.42
N VAL D 54 8.04 -11.75 26.19
CA VAL D 54 6.88 -12.16 26.99
C VAL D 54 6.52 -13.60 26.66
N PRO D 55 6.01 -14.39 27.60
CA PRO D 55 5.60 -15.75 27.25
C PRO D 55 4.50 -15.75 26.20
N ALA D 56 4.51 -16.79 25.35
CA ALA D 56 3.56 -16.87 24.25
C ALA D 56 2.12 -16.83 24.76
N SER D 57 1.88 -17.33 25.97
CA SER D 57 0.52 -17.33 26.51
C SER D 57 -0.01 -15.92 26.66
N GLU D 58 0.83 -14.99 27.12
CA GLU D 58 0.45 -13.60 27.33
C GLU D 58 0.74 -12.70 26.14
N ASN D 59 1.12 -13.28 24.99
CA ASN D 59 1.44 -12.50 23.81
C ASN D 59 0.22 -12.43 22.92
N PRO D 60 -0.40 -11.25 22.74
CA PRO D 60 -1.58 -11.18 21.86
C PRO D 60 -1.31 -11.56 20.41
N PHE D 61 -0.07 -11.42 19.96
CA PHE D 61 0.26 -11.64 18.56
C PHE D 61 0.67 -13.09 18.25
N ARG D 62 0.61 -13.97 19.24
CA ARG D 62 0.90 -15.39 19.00
C ARG D 62 -0.38 -16.13 18.61
N SER E 10 25.87 -50.63 -22.43
CA SER E 10 26.60 -49.37 -22.12
C SER E 10 25.88 -48.17 -22.72
N TYR E 11 25.38 -48.35 -23.95
CA TYR E 11 24.66 -47.27 -24.61
C TYR E 11 23.40 -46.90 -23.83
N GLN E 12 22.68 -47.91 -23.33
CA GLN E 12 21.46 -47.64 -22.58
C GLN E 12 21.76 -46.81 -21.34
N VAL E 13 22.86 -47.11 -20.65
CA VAL E 13 23.20 -46.37 -19.43
C VAL E 13 23.46 -44.90 -19.77
N ILE E 14 24.22 -44.65 -20.84
CA ILE E 14 24.53 -43.28 -21.23
C ILE E 14 23.26 -42.52 -21.62
N THR E 15 22.40 -43.18 -22.41
CA THR E 15 21.15 -42.53 -22.81
C THR E 15 20.29 -42.22 -21.59
N SER E 16 20.20 -43.16 -20.65
CA SER E 16 19.41 -42.92 -19.44
C SER E 16 19.98 -41.76 -18.64
N LEU E 17 21.31 -41.71 -18.50
CA LEU E 17 21.92 -40.62 -17.74
C LEU E 17 21.62 -39.27 -18.40
N LEU E 18 21.83 -39.18 -19.71
CA LEU E 18 21.59 -37.91 -20.40
C LEU E 18 20.12 -37.49 -20.29
N LEU E 19 19.20 -38.43 -20.49
CA LEU E 19 17.79 -38.09 -20.47
C LEU E 19 17.34 -37.72 -19.06
N GLY E 20 17.84 -38.42 -18.04
CA GLY E 20 17.54 -38.04 -16.67
C GLY E 20 18.05 -36.66 -16.33
N THR E 21 19.26 -36.33 -16.78
CA THR E 21 19.79 -34.99 -16.57
C THR E 21 18.89 -33.95 -17.25
N LEU E 22 18.48 -34.22 -18.48
CA LEU E 22 17.61 -33.28 -19.19
C LEU E 22 16.29 -33.08 -18.46
N ILE E 23 15.67 -34.18 -18.02
CA ILE E 23 14.38 -34.08 -17.34
C ILE E 23 14.54 -33.33 -16.02
N PHE E 24 15.59 -33.64 -15.27
CA PHE E 24 15.82 -32.97 -13.99
C PHE E 24 16.04 -31.48 -14.18
N CYS E 25 16.84 -31.10 -15.18
CA CYS E 25 17.08 -29.69 -15.42
C CYS E 25 15.80 -28.98 -15.85
N ALA E 26 14.99 -29.62 -16.70
CA ALA E 26 13.74 -29.01 -17.12
C ALA E 26 12.80 -28.81 -15.93
N VAL E 27 12.69 -29.84 -15.07
CA VAL E 27 11.80 -29.74 -13.91
C VAL E 27 12.27 -28.61 -12.98
N LEU E 28 13.58 -28.56 -12.71
CA LEU E 28 14.09 -27.49 -11.84
C LEU E 28 13.83 -26.12 -12.46
N GLY E 29 14.07 -25.98 -13.76
CA GLY E 29 13.85 -24.69 -14.40
C GLY E 29 12.41 -24.24 -14.30
N ASN E 30 11.47 -25.14 -14.62
CA ASN E 30 10.06 -24.77 -14.56
C ASN E 30 9.64 -24.45 -13.14
N ALA E 31 10.08 -25.26 -12.17
CA ALA E 31 9.68 -25.05 -10.78
C ALA E 31 10.21 -23.71 -10.27
N CYS E 32 11.47 -23.40 -10.56
CA CYS E 32 12.04 -22.14 -10.10
C CYS E 32 11.37 -20.95 -10.79
N VAL E 33 11.05 -21.09 -12.09
CA VAL E 33 10.36 -20.01 -12.78
C VAL E 33 9.01 -19.73 -12.13
N VAL E 34 8.27 -20.80 -11.82
CA VAL E 34 6.98 -20.62 -11.15
C VAL E 34 7.17 -19.98 -9.79
N ALA E 35 8.16 -20.46 -9.03
CA ALA E 35 8.39 -19.94 -7.68
C ALA E 35 8.76 -18.46 -7.73
N ALA E 36 9.42 -18.03 -8.81
CA ALA E 36 9.80 -16.62 -8.94
C ALA E 36 8.58 -15.72 -8.77
N ILE E 37 7.52 -15.99 -9.54
CA ILE E 37 6.30 -15.20 -9.44
C ILE E 37 5.56 -15.53 -8.15
N ALA E 38 5.58 -16.80 -7.73
CA ALA E 38 4.78 -17.21 -6.58
C ALA E 38 5.23 -16.50 -5.31
N LEU E 39 6.53 -16.53 -5.02
CA LEU E 39 7.02 -15.99 -3.76
C LEU E 39 6.99 -14.46 -3.77
N GLU E 40 7.33 -13.84 -4.90
CA GLU E 40 7.40 -12.38 -5.02
C GLU E 40 6.28 -11.93 -5.95
N ARG E 41 5.42 -11.05 -5.45
CA ARG E 41 4.31 -10.54 -6.25
C ARG E 41 4.67 -9.28 -7.04
N SER E 42 5.87 -8.72 -6.83
CA SER E 42 6.27 -7.58 -7.65
C SER E 42 6.36 -7.96 -9.11
N LEU E 43 6.53 -9.24 -9.41
CA LEU E 43 6.56 -9.73 -10.78
C LEU E 43 5.18 -10.12 -11.30
N GLN E 44 4.13 -9.88 -10.53
CA GLN E 44 2.78 -10.28 -10.93
C GLN E 44 2.24 -9.34 -12.01
N ASN E 45 2.77 -9.47 -13.22
CA ASN E 45 2.33 -8.69 -14.37
C ASN E 45 1.59 -9.59 -15.35
N VAL E 46 0.86 -8.95 -16.27
CA VAL E 46 0.09 -9.71 -17.27
C VAL E 46 1.03 -10.56 -18.12
N ALA E 47 2.08 -9.94 -18.66
CA ALA E 47 3.07 -10.69 -19.41
C ALA E 47 3.77 -11.71 -18.53
N ASN E 48 4.12 -11.32 -17.31
CA ASN E 48 4.72 -12.26 -16.37
C ASN E 48 3.73 -13.36 -16.00
N TYR E 49 2.43 -13.03 -15.95
CA TYR E 49 1.43 -14.06 -15.70
C TYR E 49 1.42 -15.09 -16.82
N LEU E 50 1.48 -14.63 -18.07
CA LEU E 50 1.54 -15.56 -19.20
C LEU E 50 2.82 -16.39 -19.15
N ILE E 51 3.94 -15.76 -18.79
CA ILE E 51 5.20 -16.48 -18.68
C ILE E 51 5.10 -17.56 -17.60
N GLY E 52 4.47 -17.23 -16.48
CA GLY E 52 4.28 -18.22 -15.43
C GLY E 52 3.38 -19.36 -15.86
N SER E 53 2.33 -19.06 -16.61
CA SER E 53 1.48 -20.12 -17.14
C SER E 53 2.26 -21.04 -18.07
N LEU E 54 3.10 -20.45 -18.94
CA LEU E 54 3.95 -21.26 -19.81
C LEU E 54 4.91 -22.12 -18.99
N ALA E 55 5.47 -21.55 -17.92
CA ALA E 55 6.37 -22.32 -17.07
C ALA E 55 5.65 -23.47 -16.39
N VAL E 56 4.42 -23.25 -15.95
CA VAL E 56 3.63 -24.33 -15.36
C VAL E 56 3.36 -25.43 -16.37
N THR E 57 3.03 -25.04 -17.60
CA THR E 57 2.83 -26.03 -18.65
C THR E 57 4.10 -26.83 -18.90
N ASP E 58 5.25 -26.15 -18.92
CA ASP E 58 6.52 -26.84 -19.13
C ASP E 58 6.82 -27.78 -17.95
N LEU E 59 6.49 -27.36 -16.73
CA LEU E 59 6.67 -28.24 -15.58
C LEU E 59 5.81 -29.49 -15.72
N MET E 60 4.56 -29.33 -16.17
CA MET E 60 3.71 -30.49 -16.40
C MET E 60 4.31 -31.40 -17.45
N VAL E 61 4.83 -30.83 -18.53
CA VAL E 61 5.50 -31.62 -19.57
C VAL E 61 6.64 -32.42 -18.96
N SER E 62 7.48 -31.75 -18.17
CA SER E 62 8.68 -32.39 -17.64
C SER E 62 8.33 -33.49 -16.65
N VAL E 63 7.31 -33.28 -15.82
CA VAL E 63 7.03 -34.22 -14.74
C VAL E 63 6.18 -35.38 -15.24
N LEU E 64 5.19 -35.12 -16.09
CA LEU E 64 4.20 -36.14 -16.43
C LEU E 64 4.65 -37.02 -17.59
N VAL E 65 4.94 -36.40 -18.74
CA VAL E 65 5.07 -37.18 -19.96
C VAL E 65 6.51 -37.61 -20.21
N LEU E 66 7.48 -36.77 -19.85
CA LEU E 66 8.87 -37.11 -20.13
C LEU E 66 9.30 -38.43 -19.50
N PRO E 67 9.04 -38.70 -18.22
CA PRO E 67 9.47 -40.00 -17.66
C PRO E 67 8.87 -41.18 -18.40
N MET E 68 7.61 -41.09 -18.81
CA MET E 68 7.00 -42.16 -19.60
C MET E 68 7.72 -42.31 -20.94
N ALA E 69 7.98 -41.19 -21.61
CA ALA E 69 8.76 -41.24 -22.85
C ALA E 69 10.16 -41.77 -22.60
N ALA E 70 10.77 -41.40 -21.47
CA ALA E 70 12.10 -41.92 -21.15
C ALA E 70 12.09 -43.43 -21.01
N LEU E 71 11.07 -43.97 -20.34
CA LEU E 71 10.94 -45.42 -20.25
C LEU E 71 10.71 -46.03 -21.64
N TYR E 72 9.93 -45.35 -22.47
CA TYR E 72 9.69 -45.84 -23.82
C TYR E 72 10.99 -45.87 -24.63
N GLN E 73 11.77 -44.80 -24.57
CA GLN E 73 12.97 -44.70 -25.40
C GLN E 73 14.08 -45.59 -24.88
N VAL E 74 14.29 -45.61 -23.56
CA VAL E 74 15.43 -46.33 -22.99
C VAL E 74 15.32 -47.83 -23.29
N LEU E 75 14.12 -48.39 -23.09
CA LEU E 75 13.90 -49.81 -23.32
C LEU E 75 13.56 -50.16 -24.76
N ASN E 76 13.36 -49.16 -25.61
CA ASN E 76 12.98 -49.36 -27.01
C ASN E 76 11.65 -50.10 -27.14
N LYS E 77 10.85 -50.10 -26.07
CA LYS E 77 9.57 -50.80 -26.07
C LYS E 77 8.67 -50.16 -25.03
N TRP E 78 7.37 -50.45 -25.14
CA TRP E 78 6.38 -49.97 -24.20
C TRP E 78 5.99 -51.10 -23.26
N THR E 79 6.12 -50.86 -21.95
CA THR E 79 5.86 -51.86 -20.92
C THR E 79 4.97 -51.29 -19.83
N LEU E 80 3.89 -50.62 -20.24
CA LEU E 80 2.94 -50.04 -19.30
C LEU E 80 1.48 -50.31 -19.64
N GLY E 81 1.16 -50.76 -20.84
CA GLY E 81 -0.21 -51.08 -21.20
C GLY E 81 -0.82 -50.08 -22.16
N GLN E 82 -1.89 -50.52 -22.83
CA GLN E 82 -2.55 -49.67 -23.80
C GLN E 82 -3.18 -48.44 -23.15
N VAL E 83 -3.78 -48.61 -21.98
CA VAL E 83 -4.39 -47.47 -21.29
C VAL E 83 -3.33 -46.43 -20.95
N THR E 84 -2.19 -46.89 -20.41
CA THR E 84 -1.11 -45.97 -20.08
C THR E 84 -0.56 -45.30 -21.33
N CYS E 85 -0.45 -46.05 -22.43
CA CYS E 85 0.03 -45.46 -23.68
C CYS E 85 -0.91 -44.36 -24.17
N ASP E 86 -2.21 -44.63 -24.13
CA ASP E 86 -3.18 -43.62 -24.55
C ASP E 86 -3.12 -42.39 -23.66
N LEU E 87 -3.03 -42.60 -22.34
CA LEU E 87 -2.92 -41.48 -21.42
C LEU E 87 -1.67 -40.67 -21.69
N PHE E 88 -0.54 -41.34 -21.91
CA PHE E 88 0.71 -40.63 -22.19
C PHE E 88 0.61 -39.81 -23.47
N ILE E 89 0.06 -40.41 -24.53
CA ILE E 89 -0.08 -39.68 -25.79
C ILE E 89 -0.96 -38.45 -25.59
N ALA E 90 -2.10 -38.62 -24.93
CA ALA E 90 -3.02 -37.50 -24.72
C ALA E 90 -2.35 -36.40 -23.92
N LEU E 91 -1.69 -36.76 -22.82
CA LEU E 91 -1.04 -35.75 -21.97
C LEU E 91 0.08 -35.03 -22.73
N ASP E 92 0.89 -35.78 -23.47
CA ASP E 92 1.98 -35.16 -24.22
C ASP E 92 1.44 -34.16 -25.24
N VAL E 93 0.46 -34.59 -26.04
CA VAL E 93 -0.10 -33.71 -27.05
C VAL E 93 -0.71 -32.48 -26.39
N LEU E 94 -1.50 -32.69 -25.33
CA LEU E 94 -2.16 -31.58 -24.66
C LEU E 94 -1.15 -30.57 -24.14
N CYS E 95 -0.14 -31.03 -23.42
CA CYS E 95 0.81 -30.11 -22.80
C CYS E 95 1.66 -29.40 -23.84
N CYS E 96 2.09 -30.10 -24.89
CA CYS E 96 2.89 -29.46 -25.92
C CYS E 96 2.08 -28.41 -26.68
N THR E 97 0.83 -28.73 -27.03
CA THR E 97 -0.03 -27.74 -27.67
C THR E 97 -0.26 -26.56 -26.74
N SER E 98 -0.44 -26.82 -25.45
CA SER E 98 -0.62 -25.74 -24.49
C SER E 98 0.60 -24.83 -24.44
N SER E 99 1.79 -25.41 -24.44
CA SER E 99 3.00 -24.58 -24.42
C SER E 99 3.14 -23.76 -25.69
N ILE E 100 2.86 -24.37 -26.85
CA ILE E 100 2.96 -23.64 -28.10
C ILE E 100 1.99 -22.48 -28.12
N TRP E 101 0.75 -22.73 -27.71
CA TRP E 101 -0.24 -21.66 -27.70
C TRP E 101 0.03 -20.65 -26.61
N HIS E 102 0.73 -21.05 -25.54
CA HIS E 102 1.12 -20.09 -24.52
C HIS E 102 2.14 -19.10 -25.06
N LEU E 103 3.16 -19.61 -25.77
CA LEU E 103 4.13 -18.68 -26.37
C LEU E 103 3.46 -17.84 -27.45
N CYS E 104 2.52 -18.41 -28.20
CA CYS E 104 1.79 -17.62 -29.19
C CYS E 104 0.98 -16.51 -28.52
N ALA E 105 0.34 -16.81 -27.40
CA ALA E 105 -0.44 -15.80 -26.67
C ALA E 105 0.47 -14.73 -26.07
N ILE E 106 1.65 -15.13 -25.61
CA ILE E 106 2.61 -14.14 -25.13
C ILE E 106 2.99 -13.19 -26.26
N ALA E 107 3.25 -13.74 -27.46
CA ALA E 107 3.56 -12.89 -28.60
C ALA E 107 2.40 -11.96 -28.93
N LEU E 108 1.16 -12.49 -28.89
CA LEU E 108 0.00 -11.66 -29.19
C LEU E 108 -0.17 -10.53 -28.17
N ASP E 109 0.03 -10.84 -26.89
CA ASP E 109 -0.08 -9.82 -25.85
C ASP E 109 0.99 -8.75 -26.03
N ARG E 110 2.22 -9.16 -26.36
CA ARG E 110 3.27 -8.19 -26.61
C ARG E 110 2.94 -7.30 -27.80
N TYR E 111 2.39 -7.90 -28.87
CA TYR E 111 1.99 -7.11 -30.03
C TYR E 111 0.91 -6.10 -29.67
N TRP E 112 -0.09 -6.53 -28.90
CA TRP E 112 -1.15 -5.62 -28.48
C TRP E 112 -0.59 -4.48 -27.64
N ALA E 113 0.30 -4.81 -26.71
CA ALA E 113 0.88 -3.77 -25.86
C ALA E 113 1.68 -2.77 -26.69
N ILE E 114 2.46 -3.27 -27.65
CA ILE E 114 3.31 -2.38 -28.46
C ILE E 114 2.44 -1.49 -29.34
N THR E 115 1.47 -2.07 -30.04
CA THR E 115 0.69 -1.34 -31.02
C THR E 115 -0.55 -0.67 -30.43
N ASP E 116 -0.94 -1.02 -29.21
CA ASP E 116 -2.16 -0.49 -28.59
C ASP E 116 -1.85 -0.02 -27.17
N PRO E 117 -1.08 1.07 -27.03
CA PRO E 117 -0.79 1.58 -25.67
C PRO E 117 -2.04 1.98 -24.91
N ILE E 118 -3.07 2.47 -25.61
CA ILE E 118 -4.30 2.86 -24.94
C ILE E 118 -4.93 1.66 -24.25
N ASP E 119 -5.02 0.53 -24.96
CA ASP E 119 -5.54 -0.69 -24.34
C ASP E 119 -4.62 -1.16 -23.22
N TYR E 120 -3.30 -1.00 -23.41
CA TYR E 120 -2.36 -1.42 -22.38
C TYR E 120 -2.60 -0.67 -21.07
N VAL E 121 -2.84 0.64 -21.15
CA VAL E 121 -3.03 1.44 -19.94
C VAL E 121 -4.43 1.24 -19.37
N ASN E 122 -5.45 1.22 -20.25
CA ASN E 122 -6.83 1.23 -19.78
C ASN E 122 -7.43 -0.16 -19.69
N LYS E 123 -7.36 -0.94 -20.78
CA LYS E 123 -8.13 -2.17 -20.89
C LYS E 123 -7.32 -3.46 -20.71
N ARG E 124 -6.07 -3.37 -20.27
CA ARG E 124 -5.26 -4.57 -20.05
C ARG E 124 -5.22 -4.87 -18.56
N THR E 125 -5.63 -6.08 -18.19
CA THR E 125 -5.65 -6.52 -16.80
C THR E 125 -5.32 -8.01 -16.73
N PRO E 126 -5.10 -8.56 -15.54
CA PRO E 126 -4.82 -10.01 -15.45
C PRO E 126 -5.95 -10.87 -16.00
N ARG E 127 -7.17 -10.33 -16.08
CA ARG E 127 -8.26 -11.09 -16.69
C ARG E 127 -7.93 -11.46 -18.13
N ARG E 128 -7.24 -10.58 -18.84
CA ARG E 128 -6.84 -10.89 -20.21
C ARG E 128 -5.90 -12.09 -20.25
N ALA E 129 -4.92 -12.11 -19.34
CA ALA E 129 -4.00 -13.24 -19.28
C ALA E 129 -4.74 -14.53 -18.92
N ALA E 130 -5.67 -14.44 -17.98
CA ALA E 130 -6.45 -15.62 -17.60
C ALA E 130 -7.26 -16.14 -18.78
N ALA E 131 -7.89 -15.24 -19.53
CA ALA E 131 -8.66 -15.66 -20.70
C ALA E 131 -7.77 -16.30 -21.75
N LEU E 132 -6.59 -15.71 -21.99
CA LEU E 132 -5.67 -16.30 -22.95
C LEU E 132 -5.22 -17.69 -22.53
N ILE E 133 -4.90 -17.86 -21.24
CA ILE E 133 -4.49 -19.17 -20.74
C ILE E 133 -5.62 -20.17 -20.90
N SER E 134 -6.84 -19.76 -20.57
CA SER E 134 -7.98 -20.65 -20.71
C SER E 134 -8.19 -21.07 -22.16
N LEU E 135 -8.07 -20.10 -23.09
CA LEU E 135 -8.22 -20.42 -24.50
C LEU E 135 -7.13 -21.38 -24.97
N THR E 136 -5.89 -21.16 -24.53
CA THR E 136 -4.80 -22.06 -24.92
C THR E 136 -5.04 -23.47 -24.41
N TRP E 137 -5.45 -23.60 -23.14
CA TRP E 137 -5.73 -24.93 -22.60
C TRP E 137 -6.92 -25.56 -23.30
N LEU E 138 -7.92 -24.77 -23.69
CA LEU E 138 -9.05 -25.30 -24.44
C LEU E 138 -8.60 -25.84 -25.79
N ILE E 139 -7.72 -25.11 -26.47
CA ILE E 139 -7.20 -25.60 -27.75
C ILE E 139 -6.41 -26.88 -27.56
N GLY E 140 -5.59 -26.94 -26.51
CA GLY E 140 -4.86 -28.16 -26.22
C GLY E 140 -5.79 -29.34 -25.98
N PHE E 141 -6.86 -29.12 -25.20
CA PHE E 141 -7.83 -30.17 -24.97
C PHE E 141 -8.51 -30.60 -26.26
N LEU E 142 -8.87 -29.64 -27.11
CA LEU E 142 -9.52 -29.99 -28.38
C LEU E 142 -8.59 -30.82 -29.25
N ILE E 143 -7.29 -30.52 -29.22
CA ILE E 143 -6.34 -31.30 -30.00
C ILE E 143 -6.16 -32.69 -29.41
N SER E 144 -6.14 -32.81 -28.09
CA SER E 144 -5.77 -34.06 -27.43
C SER E 144 -6.95 -35.00 -27.18
N ILE E 145 -8.18 -34.51 -27.25
CA ILE E 145 -9.36 -35.31 -26.91
C ILE E 145 -9.74 -36.29 -28.03
N PRO E 146 -9.64 -35.91 -29.30
CA PRO E 146 -10.12 -36.79 -30.38
C PRO E 146 -9.58 -38.21 -30.27
N PRO E 147 -8.29 -38.39 -29.97
CA PRO E 147 -7.78 -39.78 -29.88
C PRO E 147 -8.48 -40.60 -28.81
N MET E 148 -8.97 -39.97 -27.74
CA MET E 148 -9.68 -40.70 -26.70
C MET E 148 -11.16 -40.90 -27.01
N LEU E 149 -11.79 -39.93 -27.66
CA LEU E 149 -13.20 -40.01 -28.02
C LEU E 149 -13.43 -40.56 -29.42
N GLY E 150 -12.38 -40.95 -30.13
CA GLY E 150 -12.55 -41.48 -31.46
C GLY E 150 -11.21 -41.81 -32.09
N TRP E 151 -11.24 -42.07 -33.39
CA TRP E 151 -10.03 -42.41 -34.16
C TRP E 151 -9.41 -43.64 -33.50
N ARG E 152 -8.09 -43.73 -33.41
CA ARG E 152 -7.42 -44.93 -32.89
C ARG E 152 -7.80 -46.15 -33.73
N THR E 153 -7.41 -46.10 -35.01
CA THR E 153 -7.78 -47.15 -35.95
C THR E 153 -7.10 -48.46 -35.57
N PRO E 154 -7.63 -49.59 -36.04
CA PRO E 154 -7.03 -50.88 -35.69
C PRO E 154 -5.55 -50.96 -36.03
N GLU E 155 -5.12 -50.35 -37.14
CA GLU E 155 -3.70 -50.34 -37.47
C GLU E 155 -2.90 -49.60 -36.40
N ASP E 156 -3.43 -48.48 -35.92
CA ASP E 156 -2.75 -47.75 -34.86
C ASP E 156 -2.65 -48.60 -33.60
N ARG E 157 -1.48 -48.58 -32.96
CA ARG E 157 -1.20 -49.35 -31.76
C ARG E 157 -1.30 -50.85 -32.02
N SER E 158 -1.12 -51.28 -33.26
CA SER E 158 -1.20 -52.71 -33.58
C SER E 158 -0.11 -53.48 -32.85
N ASP E 159 1.11 -52.95 -32.82
CA ASP E 159 2.21 -53.60 -32.11
C ASP E 159 2.00 -53.45 -30.61
N PRO E 160 1.90 -54.54 -29.84
CA PRO E 160 1.66 -54.39 -28.39
C PRO E 160 2.77 -53.62 -27.68
N ASP E 161 4.00 -53.73 -28.12
CA ASP E 161 5.14 -53.12 -27.43
C ASP E 161 5.48 -51.73 -27.94
N ALA E 162 4.74 -51.21 -28.92
CA ALA E 162 4.99 -49.89 -29.49
C ALA E 162 3.80 -48.99 -29.19
N CYS E 163 4.08 -47.84 -28.57
CA CYS E 163 3.06 -46.85 -28.28
C CYS E 163 3.01 -45.78 -29.38
N THR E 164 2.65 -46.23 -30.58
CA THR E 164 2.62 -45.35 -31.74
C THR E 164 1.50 -44.33 -31.62
N ILE E 165 1.74 -43.13 -32.13
CA ILE E 165 0.73 -42.08 -32.14
C ILE E 165 -0.20 -42.30 -33.33
N SER E 166 -1.40 -41.72 -33.24
CA SER E 166 -2.37 -41.86 -34.32
C SER E 166 -1.79 -41.28 -35.61
N LYS E 167 -1.97 -42.03 -36.70
CA LYS E 167 -1.45 -41.65 -38.02
C LYS E 167 -2.57 -41.43 -39.03
N ASP E 168 -3.81 -41.29 -38.58
CA ASP E 168 -4.92 -41.02 -39.49
C ASP E 168 -4.66 -39.74 -40.26
N HIS E 169 -4.91 -39.78 -41.57
CA HIS E 169 -4.56 -38.63 -42.41
C HIS E 169 -5.27 -37.37 -41.95
N GLY E 170 -6.60 -37.44 -41.82
CA GLY E 170 -7.35 -36.25 -41.44
C GLY E 170 -6.98 -35.75 -40.06
N TYR E 171 -6.92 -36.66 -39.09
CA TYR E 171 -6.54 -36.27 -37.74
C TYR E 171 -5.12 -35.74 -37.70
N THR E 172 -4.21 -36.40 -38.43
CA THR E 172 -2.82 -35.95 -38.44
C THR E 172 -2.72 -34.52 -38.98
N ILE E 173 -3.35 -34.25 -40.13
CA ILE E 173 -3.26 -32.92 -40.71
C ILE E 173 -3.90 -31.88 -39.79
N TYR E 174 -5.08 -32.20 -39.24
CA TYR E 174 -5.76 -31.25 -38.37
C TYR E 174 -4.90 -30.93 -37.15
N SER E 175 -4.38 -31.96 -36.49
CA SER E 175 -3.60 -31.73 -35.28
C SER E 175 -2.31 -30.98 -35.58
N THR E 176 -1.57 -31.39 -36.62
CA THR E 176 -0.33 -30.72 -36.96
C THR E 176 -0.60 -29.25 -37.28
N PHE E 177 -1.60 -28.98 -38.12
CA PHE E 177 -1.95 -27.60 -38.44
C PHE E 177 -2.23 -26.81 -37.16
N GLY E 178 -3.29 -27.20 -36.44
CA GLY E 178 -3.72 -26.43 -35.29
C GLY E 178 -2.72 -26.36 -34.17
N ALA E 179 -1.71 -27.23 -34.17
CA ALA E 179 -0.71 -27.24 -33.11
C ALA E 179 0.55 -26.46 -33.46
N PHE E 180 0.95 -26.44 -34.73
CA PHE E 180 2.22 -25.80 -35.08
C PHE E 180 2.10 -24.78 -36.21
N TYR E 181 1.28 -25.05 -37.22
CA TYR E 181 1.34 -24.22 -38.43
C TYR E 181 0.56 -22.93 -38.25
N ILE E 182 -0.72 -23.02 -37.87
CA ILE E 182 -1.49 -21.81 -37.57
C ILE E 182 -0.82 -20.99 -36.49
N PRO E 183 -0.38 -21.57 -35.36
CA PRO E 183 0.43 -20.78 -34.42
C PRO E 183 1.68 -20.20 -35.04
N LEU E 184 2.35 -20.96 -35.91
CA LEU E 184 3.57 -20.45 -36.54
C LEU E 184 3.27 -19.25 -37.43
N LEU E 185 2.23 -19.34 -38.25
CA LEU E 185 1.87 -18.23 -39.11
C LEU E 185 1.45 -17.00 -38.29
N LEU E 186 0.65 -17.23 -37.24
CA LEU E 186 0.22 -16.11 -36.41
C LEU E 186 1.41 -15.44 -35.75
N MET E 187 2.35 -16.23 -35.22
CA MET E 187 3.54 -15.66 -34.61
C MET E 187 4.36 -14.90 -35.63
N LEU E 188 4.51 -15.45 -36.84
CA LEU E 188 5.27 -14.77 -37.88
C LEU E 188 4.66 -13.40 -38.19
N VAL E 189 3.34 -13.36 -38.37
CA VAL E 189 2.68 -12.10 -38.70
C VAL E 189 2.81 -11.11 -37.55
N LEU E 190 2.58 -11.57 -36.32
CA LEU E 190 2.65 -10.68 -35.17
C LEU E 190 4.06 -10.11 -34.99
N TYR E 191 5.08 -10.96 -35.13
CA TYR E 191 6.44 -10.49 -34.94
C TYR E 191 6.91 -9.63 -36.12
N GLY E 192 6.38 -9.85 -37.32
CA GLY E 192 6.65 -8.93 -38.41
C GLY E 192 6.07 -7.56 -38.15
N ARG E 193 4.84 -7.51 -37.66
CA ARG E 193 4.24 -6.23 -37.29
C ARG E 193 5.03 -5.56 -36.18
N ILE E 194 5.47 -6.34 -35.19
CA ILE E 194 6.29 -5.79 -34.12
C ILE E 194 7.60 -5.26 -34.67
N PHE E 195 8.19 -5.96 -35.63
CA PHE E 195 9.43 -5.49 -36.25
C PHE E 195 9.21 -4.16 -36.95
N ARG E 196 8.11 -4.04 -37.70
CA ARG E 196 7.84 -2.79 -38.39
C ARG E 196 7.63 -1.65 -37.40
N ALA E 197 6.90 -1.93 -36.32
CA ALA E 197 6.67 -0.90 -35.29
C ALA E 197 7.98 -0.48 -34.63
N ALA E 198 8.83 -1.45 -34.30
CA ALA E 198 10.10 -1.14 -33.66
C ALA E 198 11.00 -0.34 -34.60
N ARG E 199 11.03 -0.70 -35.88
CA ARG E 199 11.80 0.07 -36.84
C ARG E 199 11.27 1.50 -36.95
N PHE E 200 9.96 1.66 -36.99
CA PHE E 200 9.38 3.00 -37.07
C PHE E 200 9.77 3.82 -35.85
N ARG E 201 9.71 3.23 -34.66
CA ARG E 201 10.05 3.96 -33.44
C ARG E 201 11.53 4.31 -33.40
N ILE E 202 12.40 3.38 -33.81
CA ILE E 202 13.83 3.64 -33.78
C ILE E 202 14.20 4.74 -34.76
N ARG E 203 13.69 4.65 -36.00
CA ARG E 203 13.99 5.68 -36.98
C ARG E 203 13.43 7.03 -36.56
N LYS E 204 12.22 7.03 -36.00
CA LYS E 204 11.60 8.27 -35.54
C LYS E 204 12.22 8.72 -34.21
N ASN E 301 26.57 19.03 -32.37
CA ASN E 301 25.42 18.88 -33.25
C ASN E 301 25.55 17.65 -34.13
N GLU E 302 26.46 17.71 -35.10
CA GLU E 302 26.65 16.58 -36.01
C GLU E 302 27.17 15.36 -35.25
N ARG E 303 28.07 15.58 -34.28
CA ARG E 303 28.55 14.47 -33.47
C ARG E 303 27.43 13.83 -32.68
N ASN E 304 26.52 14.64 -32.13
CA ASN E 304 25.37 14.11 -31.43
C ASN E 304 24.47 13.31 -32.39
N ALA E 305 24.31 13.81 -33.61
CA ALA E 305 23.53 13.07 -34.60
C ALA E 305 24.17 11.73 -34.91
N GLU E 306 25.50 11.71 -35.03
CA GLU E 306 26.19 10.45 -35.29
C GLU E 306 26.03 9.48 -34.11
N ALA E 307 26.10 9.99 -32.88
CA ALA E 307 25.89 9.14 -31.71
C ALA E 307 24.49 8.58 -31.69
N LYS E 308 23.49 9.40 -32.04
CA LYS E 308 22.12 8.92 -32.12
C LYS E 308 21.98 7.86 -33.21
N ARG E 309 22.67 8.05 -34.33
CA ARG E 309 22.66 7.02 -35.38
C ARG E 309 23.26 5.72 -34.88
N LYS E 310 24.36 5.81 -34.12
CA LYS E 310 24.95 4.60 -33.55
C LYS E 310 23.96 3.90 -32.62
N MET E 311 23.28 4.67 -31.77
CA MET E 311 22.29 4.07 -30.86
C MET E 311 21.16 3.42 -31.65
N ALA E 312 20.69 4.08 -32.70
CA ALA E 312 19.62 3.53 -33.51
C ALA E 312 20.05 2.23 -34.18
N LEU E 313 21.27 2.20 -34.71
CA LEU E 313 21.78 0.96 -35.31
C LEU E 313 21.90 -0.15 -34.27
N ALA E 314 22.35 0.20 -33.07
CA ALA E 314 22.43 -0.81 -32.00
C ALA E 314 21.06 -1.36 -31.66
N ARG E 315 20.05 -0.49 -31.58
CA ARG E 315 18.70 -0.95 -31.28
C ARG E 315 18.15 -1.81 -32.41
N GLU E 316 18.45 -1.45 -33.66
CA GLU E 316 18.01 -2.24 -34.79
C GLU E 316 18.63 -3.64 -34.75
N ARG E 317 19.94 -3.70 -34.47
CA ARG E 317 20.60 -4.99 -34.34
C ARG E 317 20.00 -5.79 -33.20
N LYS E 318 19.70 -5.13 -32.08
CA LYS E 318 19.13 -5.82 -30.93
C LYS E 318 17.77 -6.43 -31.28
N THR E 319 16.90 -5.66 -31.96
CA THR E 319 15.58 -6.18 -32.29
C THR E 319 15.67 -7.29 -33.34
N VAL E 320 16.58 -7.15 -34.30
CA VAL E 320 16.78 -8.22 -35.27
C VAL E 320 17.22 -9.49 -34.56
N LYS E 321 18.07 -9.34 -33.54
CA LYS E 321 18.61 -10.51 -32.78
C LYS E 321 17.51 -11.24 -32.00
N THR E 322 16.77 -10.55 -31.12
CA THR E 322 15.76 -11.23 -30.27
C THR E 322 14.69 -11.86 -31.18
N LEU E 323 14.27 -11.21 -32.25
CA LEU E 323 13.35 -11.89 -33.20
C LEU E 323 14.05 -13.12 -33.79
N GLY E 324 15.16 -12.97 -34.52
CA GLY E 324 15.87 -14.16 -34.98
C GLY E 324 15.89 -15.25 -33.93
N ILE E 325 16.19 -14.89 -32.69
CA ILE E 325 16.20 -15.87 -31.61
C ILE E 325 14.81 -16.49 -31.45
N ILE E 326 13.78 -15.65 -31.35
CA ILE E 326 12.45 -16.16 -31.04
C ILE E 326 11.98 -17.11 -32.14
N MET E 327 12.18 -16.74 -33.40
CA MET E 327 11.71 -17.59 -34.49
C MET E 327 12.60 -18.83 -34.64
N GLY E 328 13.93 -18.65 -34.58
CA GLY E 328 14.83 -19.76 -34.84
C GLY E 328 14.75 -20.85 -33.78
N THR E 329 14.67 -20.47 -32.51
CA THR E 329 14.56 -21.49 -31.46
C THR E 329 13.31 -22.33 -31.67
N PHE E 330 12.17 -21.66 -31.84
CA PHE E 330 10.90 -22.38 -32.03
C PHE E 330 10.94 -23.26 -33.27
N ILE E 331 11.50 -22.75 -34.37
CA ILE E 331 11.57 -23.53 -35.60
C ILE E 331 12.45 -24.76 -35.40
N LEU E 332 13.71 -24.54 -34.99
CA LEU E 332 14.63 -25.65 -34.79
C LEU E 332 14.06 -26.67 -33.82
N CYS E 333 13.22 -26.25 -32.87
CA CYS E 333 12.71 -27.16 -31.87
C CYS E 333 11.49 -27.94 -32.33
N TRP E 334 10.59 -27.34 -33.10
CA TRP E 334 9.34 -28.01 -33.47
C TRP E 334 9.21 -28.34 -34.95
N LEU E 335 9.63 -27.45 -35.84
CA LEU E 335 9.34 -27.62 -37.26
C LEU E 335 9.75 -28.98 -37.80
N PRO E 336 10.94 -29.50 -37.51
CA PRO E 336 11.26 -30.86 -38.00
C PRO E 336 10.26 -31.90 -37.52
N PHE E 337 9.82 -31.80 -36.26
CA PHE E 337 8.91 -32.80 -35.72
C PHE E 337 7.57 -32.78 -36.44
N PHE E 338 7.00 -31.59 -36.64
CA PHE E 338 5.71 -31.52 -37.30
C PHE E 338 5.82 -31.83 -38.79
N ILE E 339 6.94 -31.48 -39.42
CA ILE E 339 7.17 -31.86 -40.80
C ILE E 339 7.18 -33.38 -40.94
N VAL E 340 7.88 -34.06 -40.03
CA VAL E 340 7.91 -35.52 -40.05
C VAL E 340 6.51 -36.08 -39.79
N ALA E 341 5.81 -35.52 -38.80
CA ALA E 341 4.48 -36.02 -38.46
C ALA E 341 3.49 -35.81 -39.58
N LEU E 342 3.72 -34.82 -40.44
CA LEU E 342 2.85 -34.57 -41.58
C LEU E 342 3.24 -35.36 -42.82
N VAL E 343 4.53 -35.70 -42.95
CA VAL E 343 5.01 -36.41 -44.13
C VAL E 343 4.83 -37.92 -43.99
N LEU E 344 5.20 -38.48 -42.84
CA LEU E 344 5.17 -39.93 -42.69
C LEU E 344 3.77 -40.51 -42.91
N PRO E 345 2.69 -39.93 -42.38
CA PRO E 345 1.37 -40.50 -42.66
C PRO E 345 1.07 -40.60 -44.15
N PHE E 346 1.51 -39.62 -44.93
CA PHE E 346 1.35 -39.63 -46.38
C PHE E 346 2.54 -40.24 -47.10
N CYS E 347 3.56 -40.69 -46.38
CA CYS E 347 4.76 -41.28 -46.97
C CYS E 347 5.04 -42.65 -46.36
N GLU E 348 4.00 -43.38 -45.98
CA GLU E 348 4.20 -44.70 -45.37
C GLU E 348 4.88 -45.65 -46.34
N SER E 349 4.46 -45.65 -47.61
CA SER E 349 4.99 -46.61 -48.57
C SER E 349 6.47 -46.37 -48.84
N SER E 350 6.89 -45.10 -48.96
CA SER E 350 8.22 -44.77 -49.43
C SER E 350 9.21 -44.48 -48.30
N CYS E 351 8.89 -43.54 -47.41
CA CYS E 351 9.84 -43.10 -46.41
C CYS E 351 10.27 -44.27 -45.52
N HIS E 352 11.59 -44.41 -45.34
CA HIS E 352 12.12 -45.51 -44.53
C HIS E 352 11.96 -45.25 -43.04
N MET E 353 11.87 -43.98 -42.63
CA MET E 353 11.73 -43.63 -41.22
C MET E 353 12.90 -44.17 -40.40
N PRO E 354 14.11 -43.63 -40.60
CA PRO E 354 15.24 -44.08 -39.77
C PRO E 354 14.97 -43.83 -38.30
N THR E 355 15.38 -44.79 -37.47
CA THR E 355 15.08 -44.72 -36.04
C THR E 355 15.78 -43.53 -35.39
N LEU E 356 17.07 -43.33 -35.71
CA LEU E 356 17.83 -42.28 -35.05
C LEU E 356 17.26 -40.90 -35.35
N LEU E 357 16.92 -40.64 -36.61
CA LEU E 357 16.41 -39.33 -36.99
C LEU E 357 15.10 -39.02 -36.27
N GLY E 358 14.18 -39.98 -36.26
CA GLY E 358 12.91 -39.75 -35.59
C GLY E 358 13.07 -39.50 -34.10
N ALA E 359 13.92 -40.30 -33.45
CA ALA E 359 14.14 -40.11 -32.01
C ALA E 359 14.77 -38.75 -31.72
N ILE E 360 15.76 -38.35 -32.52
CA ILE E 360 16.40 -37.05 -32.31
C ILE E 360 15.40 -35.93 -32.51
N ILE E 361 14.55 -36.05 -33.53
CA ILE E 361 13.54 -35.01 -33.79
C ILE E 361 12.55 -34.95 -32.63
N ASN E 362 12.11 -36.10 -32.12
CA ASN E 362 11.20 -36.12 -30.98
C ASN E 362 11.84 -35.50 -29.75
N TRP E 363 13.12 -35.77 -29.53
CA TRP E 363 13.81 -35.20 -28.38
C TRP E 363 13.99 -33.69 -28.54
N LEU E 364 14.21 -33.21 -29.76
CA LEU E 364 14.23 -31.76 -29.98
C LEU E 364 12.86 -31.16 -29.67
N GLY E 365 11.79 -31.83 -30.12
CA GLY E 365 10.46 -31.35 -29.78
C GLY E 365 10.22 -31.27 -28.29
N TYR E 366 10.64 -32.30 -27.55
CA TYR E 366 10.51 -32.27 -26.09
C TYR E 366 11.37 -31.17 -25.47
N SER E 367 12.61 -31.02 -25.95
CA SER E 367 13.49 -29.97 -25.44
C SER E 367 12.96 -28.58 -25.77
N ASN E 368 12.01 -28.48 -26.69
CA ASN E 368 11.28 -27.22 -26.84
C ASN E 368 10.70 -26.78 -25.52
N SER E 369 10.17 -27.73 -24.74
CA SER E 369 9.63 -27.40 -23.42
C SER E 369 10.72 -26.90 -22.49
N LEU E 370 11.91 -27.48 -22.58
CA LEU E 370 13.03 -27.00 -21.77
C LEU E 370 13.44 -25.59 -22.18
N LEU E 371 13.41 -25.30 -23.48
CA LEU E 371 13.93 -24.02 -23.96
C LEU E 371 12.91 -22.90 -23.85
N ASN E 372 11.61 -23.21 -23.79
CA ASN E 372 10.61 -22.16 -23.63
C ASN E 372 10.84 -21.35 -22.36
N PRO E 373 10.95 -21.95 -21.17
CA PRO E 373 11.32 -21.13 -20.00
C PRO E 373 12.67 -20.46 -20.19
N VAL E 374 13.61 -21.17 -20.82
CA VAL E 374 14.92 -20.59 -21.11
C VAL E 374 14.76 -19.29 -21.89
N ILE E 375 13.95 -19.33 -22.95
CA ILE E 375 13.78 -18.17 -23.80
C ILE E 375 13.00 -17.06 -23.12
N TYR E 376 12.03 -17.38 -22.26
CA TYR E 376 11.09 -16.38 -21.76
C TYR E 376 11.37 -15.91 -20.33
N ALA E 377 11.49 -16.81 -19.36
CA ALA E 377 11.51 -16.44 -17.95
C ALA E 377 12.91 -16.18 -17.42
N TYR E 378 13.78 -17.20 -17.43
CA TYR E 378 15.12 -17.03 -16.88
C TYR E 378 15.83 -15.85 -17.53
N PHE E 379 15.72 -15.72 -18.85
CA PHE E 379 16.41 -14.64 -19.54
C PHE E 379 15.93 -13.26 -19.09
N ASN E 380 14.67 -13.15 -18.68
CA ASN E 380 14.06 -11.85 -18.45
C ASN E 380 14.82 -11.07 -17.36
N LYS E 381 14.92 -9.75 -17.57
CA LYS E 381 15.62 -8.90 -16.62
C LYS E 381 14.96 -8.95 -15.24
N ASP E 382 13.63 -8.83 -15.19
CA ASP E 382 12.93 -8.86 -13.91
C ASP E 382 13.09 -10.21 -13.24
N PHE E 383 12.94 -11.29 -14.00
CA PHE E 383 13.06 -12.63 -13.41
C PHE E 383 14.46 -12.89 -12.90
N GLN E 384 15.48 -12.50 -13.67
CA GLN E 384 16.85 -12.71 -13.21
C GLN E 384 17.16 -11.86 -11.99
N ASN E 385 16.64 -10.63 -11.95
CA ASN E 385 16.81 -9.80 -10.77
C ASN E 385 16.16 -10.45 -9.56
N ALA E 386 14.97 -11.00 -9.72
CA ALA E 386 14.30 -11.69 -8.62
C ALA E 386 15.10 -12.90 -8.17
N PHE E 387 15.64 -13.66 -9.12
CA PHE E 387 16.48 -14.82 -8.77
C PHE E 387 17.70 -14.38 -7.97
N LYS E 388 18.34 -13.29 -8.41
CA LYS E 388 19.52 -12.79 -7.69
C LYS E 388 19.14 -12.36 -6.28
N LYS E 389 18.01 -11.67 -6.13
CA LYS E 389 17.60 -11.19 -4.82
C LYS E 389 17.27 -12.34 -3.88
N ILE E 390 16.45 -13.29 -4.36
CA ILE E 390 16.04 -14.40 -3.50
C ILE E 390 17.24 -15.26 -3.14
N ILE E 391 18.11 -15.52 -4.11
CA ILE E 391 19.30 -16.33 -3.87
C ILE E 391 20.31 -15.53 -3.07
#